data_4WKT
#
_entry.id   4WKT
#
_cell.length_a   121.294
_cell.length_b   167.512
_cell.length_c   95.025
_cell.angle_alpha   90.00
_cell.angle_beta   90.00
_cell.angle_gamma   90.00
#
_symmetry.space_group_name_H-M   'C 2 2 21'
#
loop_
_entity.id
_entity.type
_entity.pdbx_description
1 polymer 'Acyl-homoserine lactone acylase PvdQ'
2 polymer 'Acyl-homoserine lactone acylase PvdQ'
3 non-polymer '1-BUTANE BORONIC ACID'
4 non-polymer GLYCEROL
5 water water
#
loop_
_entity_poly.entity_id
_entity_poly.type
_entity_poly.pdbx_seq_one_letter_code
_entity_poly.pdbx_strand_id
1 'polypeptide(L)'
;SNAIAVGSERSADGKGMLLANPHFPWNGAMRFYQMHLTIPGRLDVMGASLPGLPVVNIGFSRHLAWTHTVDTSSHFTLYR
LALDPKDPRRYLVDGRSLPLEEKSVAIEVRGADGKLSRVEHKVYQSIYGPLVVWPGKLDWNRSEAYALRDANLENTRVLQ
QWYSINQASDVADLRRRVEALQGIPWVNTLAADEQGNALYMNQSVVPYLKPELIPACAIPQLVAEGLPALQGQDSRCAWS
RDPAAAQAGITPAAQLPVLLRRDFVQNSNDSAWLTNPASPLQGFSPLVSQEKPIGPRARYALSRLQGKQPLEAKTLEEMV
TANHVFSADQVLPDLLRLCRDNQGEKSLARACAALAQWDRGANLDSGSGFVYFQRFMQRFAELDGAWKEPFDAQRPLDTP
QGIALDRPQVATQVRQALADAAAEVEKSGIPDGARWGDLQVSTRGQERIAIPGGDGHFGVYNAIQSVRKGDHLEVVGGTS
YIQLVTFPEEGPKARGLLAFSQSSDPRSPHYRDQTELFSRQQWQTLPFSDRQIDADPQLQRLSIREAA
;
C
2 'polypeptide(L)'
;PTGLAADIRWTAYGVPHIRAKDERGLGYGIGYAYARDNACLLAEEIVTARGERARYFGSEGKSSAELDNLPSDIFYAWLN
QPEALQAFWQAQTPAVRQLLEGYAAGFNRFLREADGKTTSCLGQPWLRAIATDDLLRLTRRLLVEGGVGQFADALVAAAP
PGAEK
;
A
#
loop_
_chem_comp.id
_chem_comp.type
_chem_comp.name
_chem_comp.formula
BUB non-polymer '1-BUTANE BORONIC ACID' 'C4 H11 B O2'
GOL non-polymer GLYCEROL 'C3 H8 O3'
#
# COMPACT_ATOMS: atom_id res chain seq x y z
N SER A 1 5.51 -3.47 2.53
N SER A 1 5.55 -3.56 2.55
CA SER A 1 5.29 -4.82 2.10
CA SER A 1 5.31 -4.76 1.80
C SER A 1 6.61 -5.56 1.94
C SER A 1 6.59 -5.56 1.64
N ASN A 2 6.49 -6.88 1.84
CA ASN A 2 7.58 -7.78 1.48
C ASN A 2 7.16 -8.68 0.33
N ALA A 3 8.12 -9.10 -0.48
CA ALA A 3 7.87 -10.12 -1.48
C ALA A 3 9.14 -10.89 -1.73
N ILE A 4 9.00 -12.20 -1.90
CA ILE A 4 10.12 -13.08 -2.25
C ILE A 4 9.69 -14.04 -3.34
N ALA A 5 10.42 -14.07 -4.45
CA ALA A 5 10.21 -15.07 -5.49
C ALA A 5 11.44 -15.96 -5.55
N VAL A 6 11.22 -17.27 -5.60
CA VAL A 6 12.31 -18.24 -5.60
C VAL A 6 12.21 -19.08 -6.86
N GLY A 7 13.36 -19.37 -7.48
CA GLY A 7 13.37 -20.07 -8.74
C GLY A 7 13.94 -21.49 -8.63
N SER A 8 14.10 -22.16 -9.78
CA SER A 8 14.46 -23.57 -9.81
C SER A 8 15.82 -23.88 -9.19
N GLU A 9 16.71 -22.88 -9.15
CA GLU A 9 18.05 -23.11 -8.64
C GLU A 9 18.13 -23.08 -7.10
N ARG A 10 17.06 -22.67 -6.43
CA ARG A 10 17.10 -22.58 -4.96
C ARG A 10 15.91 -23.24 -4.26
N SER A 11 14.82 -23.47 -4.98
CA SER A 11 13.64 -24.06 -4.36
C SER A 11 13.92 -25.53 -4.09
N ALA A 12 13.32 -26.06 -3.03
CA ALA A 12 13.53 -27.45 -2.68
C ALA A 12 12.98 -28.41 -3.75
N ASP A 13 11.94 -27.99 -4.46
CA ASP A 13 11.31 -28.87 -5.45
C ASP A 13 11.75 -28.58 -6.88
N GLY A 14 12.65 -27.61 -7.04
CA GLY A 14 13.14 -27.25 -8.36
C GLY A 14 12.14 -26.49 -9.21
N LYS A 15 11.06 -26.01 -8.59
CA LYS A 15 10.10 -25.18 -9.32
C LYS A 15 10.03 -23.78 -8.74
N GLY A 16 9.06 -22.98 -9.19
CA GLY A 16 8.96 -21.62 -8.69
C GLY A 16 8.21 -21.54 -7.38
N MET A 17 8.44 -20.47 -6.63
CA MET A 17 7.74 -20.28 -5.36
C MET A 17 7.67 -18.79 -5.03
N LEU A 18 6.53 -18.35 -4.50
CA LEU A 18 6.34 -16.95 -4.22
C LEU A 18 5.71 -16.68 -2.86
N LEU A 19 6.38 -15.87 -2.05
CA LEU A 19 5.78 -15.32 -0.83
C LEU A 19 5.33 -13.89 -1.07
N ALA A 20 4.03 -13.66 -0.82
CA ALA A 20 3.43 -12.34 -0.92
C ALA A 20 3.02 -11.85 0.47
N ASN A 21 3.60 -10.75 0.92
CA ASN A 21 3.29 -10.21 2.25
C ASN A 21 3.13 -8.67 2.19
N PRO A 22 2.10 -8.19 1.46
CA PRO A 22 1.86 -6.74 1.44
C PRO A 22 1.43 -6.20 2.81
N HIS A 23 1.87 -4.98 3.14
CA HIS A 23 1.49 -4.32 4.39
C HIS A 23 0.57 -3.15 4.04
N PHE A 24 -0.71 -3.29 4.37
CA PHE A 24 -1.71 -2.33 3.92
CA PHE A 24 -1.74 -2.36 3.90
C PHE A 24 -2.72 -2.06 5.04
N PRO A 25 -3.55 -1.01 4.89
CA PRO A 25 -4.50 -0.69 5.98
C PRO A 25 -5.47 -1.82 6.30
N TRP A 26 -5.88 -1.91 7.56
CA TRP A 26 -6.85 -2.92 7.99
C TRP A 26 -8.31 -2.43 7.83
N ASN A 27 -8.49 -1.21 7.34
CA ASN A 27 -9.81 -0.60 7.12
C ASN A 27 -9.75 0.30 5.89
N GLY A 28 -10.91 0.65 5.35
CA GLY A 28 -10.97 1.74 4.38
C GLY A 28 -10.81 1.32 2.93
N ALA A 29 -10.50 2.29 2.07
CA ALA A 29 -10.49 2.08 0.63
C ALA A 29 -9.38 1.18 0.10
N MET A 30 -8.42 0.83 0.95
CA MET A 30 -7.36 -0.11 0.55
C MET A 30 -7.37 -1.42 1.35
N ARG A 31 -8.54 -1.81 1.84
CA ARG A 31 -8.71 -3.06 2.57
CA ARG A 31 -8.70 -3.07 2.57
C ARG A 31 -8.83 -4.24 1.61
N PHE A 32 -7.84 -5.15 1.61
CA PHE A 32 -7.86 -6.30 0.70
C PHE A 32 -9.05 -7.21 0.90
N TYR A 33 -9.44 -7.88 -0.17
CA TYR A 33 -10.59 -8.78 -0.19
C TYR A 33 -10.24 -10.00 -1.05
N GLN A 34 -10.46 -11.20 -0.53
CA GLN A 34 -10.13 -12.43 -1.27
C GLN A 34 -11.21 -12.79 -2.27
N MET A 35 -10.80 -13.18 -3.48
CA MET A 35 -11.77 -13.73 -4.42
C MET A 35 -11.08 -14.55 -5.51
N HIS A 36 -11.86 -15.45 -6.13
CA HIS A 36 -11.41 -16.33 -7.20
C HIS A 36 -12.32 -16.05 -8.40
N LEU A 37 -11.73 -15.73 -9.55
CA LEU A 37 -12.46 -15.37 -10.77
C LEU A 37 -12.24 -16.38 -11.88
N THR A 38 -13.33 -16.82 -12.52
CA THR A 38 -13.21 -17.77 -13.62
C THR A 38 -14.18 -17.45 -14.77
N ILE A 39 -13.64 -17.25 -15.98
CA ILE A 39 -14.42 -17.36 -17.20
C ILE A 39 -13.89 -18.59 -17.92
N PRO A 40 -14.64 -19.70 -17.88
CA PRO A 40 -14.07 -20.98 -18.34
C PRO A 40 -13.50 -20.88 -19.75
N GLY A 41 -12.28 -21.41 -19.87
CA GLY A 41 -11.61 -21.45 -21.14
C GLY A 41 -10.66 -20.29 -21.35
N ARG A 42 -10.82 -19.20 -20.61
CA ARG A 42 -9.91 -18.07 -20.85
C ARG A 42 -9.52 -17.21 -19.65
N LEU A 43 -10.10 -17.46 -18.47
CA LEU A 43 -9.63 -16.76 -17.27
C LEU A 43 -9.84 -17.62 -16.03
N ASP A 44 -8.81 -17.71 -15.19
CA ASP A 44 -8.93 -18.48 -13.96
C ASP A 44 -7.83 -18.04 -13.01
N VAL A 45 -8.20 -17.16 -12.07
CA VAL A 45 -7.22 -16.48 -11.24
C VAL A 45 -7.81 -16.27 -9.85
N MET A 46 -6.95 -16.38 -8.85
CA MET A 46 -7.39 -16.22 -7.47
C MET A 46 -6.40 -15.38 -6.68
N GLY A 47 -6.91 -14.57 -5.75
CA GLY A 47 -6.04 -13.78 -4.92
C GLY A 47 -6.83 -12.81 -4.07
N ALA A 48 -6.39 -11.56 -4.05
CA ALA A 48 -7.07 -10.52 -3.31
C ALA A 48 -7.05 -9.23 -4.08
N SER A 49 -8.03 -8.38 -3.80
CA SER A 49 -8.25 -7.14 -4.55
C SER A 49 -8.61 -6.01 -3.61
N LEU A 50 -8.58 -4.79 -4.13
CA LEU A 50 -8.93 -3.61 -3.36
C LEU A 50 -10.41 -3.30 -3.59
N PRO A 51 -11.05 -2.60 -2.64
CA PRO A 51 -12.49 -2.31 -2.74
C PRO A 51 -12.91 -1.59 -4.03
N GLY A 52 -13.90 -2.14 -4.72
CA GLY A 52 -14.45 -1.50 -5.89
C GLY A 52 -13.80 -1.94 -7.20
N LEU A 53 -12.76 -2.76 -7.13
CA LEU A 53 -12.03 -3.18 -8.35
C LEU A 53 -12.41 -4.58 -8.81
N PRO A 54 -12.94 -4.70 -10.05
CA PRO A 54 -13.40 -6.00 -10.54
C PRO A 54 -12.27 -6.83 -11.15
N VAL A 55 -11.10 -6.81 -10.52
CA VAL A 55 -9.94 -7.56 -10.98
C VAL A 55 -9.18 -8.06 -9.77
N VAL A 56 -8.35 -9.07 -9.93
CA VAL A 56 -7.49 -9.53 -8.86
C VAL A 56 -6.18 -8.76 -8.86
N ASN A 57 -5.81 -8.17 -7.72
CA ASN A 57 -4.60 -7.34 -7.68
C ASN A 57 -3.32 -8.10 -7.34
N ILE A 58 -3.43 -9.06 -6.42
CA ILE A 58 -2.32 -9.93 -6.02
C ILE A 58 -2.86 -11.35 -6.02
N GLY A 59 -2.20 -12.29 -6.67
CA GLY A 59 -2.84 -13.58 -6.83
C GLY A 59 -2.03 -14.63 -7.52
N PHE A 60 -2.72 -15.63 -8.04
CA PHE A 60 -2.05 -16.74 -8.71
C PHE A 60 -3.02 -17.42 -9.67
N SER A 61 -2.44 -18.18 -10.59
CA SER A 61 -3.22 -18.96 -11.53
C SER A 61 -2.52 -20.30 -11.65
N ARG A 62 -2.85 -21.04 -12.70
CA ARG A 62 -2.40 -22.43 -12.81
C ARG A 62 -0.88 -22.58 -12.79
N HIS A 63 -0.16 -21.65 -13.40
CA HIS A 63 1.29 -21.77 -13.55
C HIS A 63 2.07 -20.56 -13.05
N LEU A 64 1.37 -19.58 -12.48
CA LEU A 64 1.99 -18.29 -12.14
C LEU A 64 1.45 -17.75 -10.83
N ALA A 65 2.31 -17.06 -10.08
CA ALA A 65 1.90 -16.31 -8.91
C ALA A 65 2.62 -14.97 -8.94
N TRP A 66 1.94 -13.89 -8.57
CA TRP A 66 2.57 -12.56 -8.60
C TRP A 66 2.08 -11.73 -7.43
N THR A 67 2.90 -10.76 -7.04
CA THR A 67 2.50 -9.84 -6.00
C THR A 67 3.17 -8.49 -6.25
N HIS A 68 2.92 -7.54 -5.35
CA HIS A 68 3.40 -6.18 -5.50
C HIS A 68 3.96 -5.64 -4.20
N THR A 69 4.86 -4.69 -4.31
CA THR A 69 5.34 -3.94 -3.16
C THR A 69 5.45 -2.47 -3.55
N VAL A 70 5.21 -1.56 -2.61
CA VAL A 70 5.33 -0.13 -2.92
C VAL A 70 6.79 0.14 -3.29
N ASP A 71 7.00 0.84 -4.42
CA ASP A 71 8.36 1.08 -4.89
C ASP A 71 8.90 2.41 -4.38
N THR A 72 10.17 2.68 -4.68
CA THR A 72 10.80 3.93 -4.23
C THR A 72 10.83 4.99 -5.32
N SER A 73 10.32 4.63 -6.50
CA SER A 73 10.34 5.54 -7.64
C SER A 73 9.40 6.71 -7.39
N SER A 74 9.68 7.85 -8.02
CA SER A 74 8.79 9.00 -7.93
C SER A 74 7.68 8.86 -8.98
N HIS A 75 6.45 9.25 -8.63
CA HIS A 75 5.32 9.11 -9.55
C HIS A 75 4.68 10.46 -9.81
N PHE A 76 5.43 11.51 -9.46
CA PHE A 76 5.02 12.89 -9.66
C PHE A 76 6.28 13.74 -9.64
N THR A 77 6.17 14.98 -10.08
CA THR A 77 7.24 15.95 -9.78
C THR A 77 6.62 17.23 -9.28
N LEU A 78 7.34 17.94 -8.42
CA LEU A 78 6.97 19.30 -8.05
C LEU A 78 7.63 20.23 -9.06
N TYR A 79 6.95 21.33 -9.37
CA TYR A 79 7.57 22.38 -10.17
C TYR A 79 7.62 23.66 -9.36
N ARG A 80 8.82 24.19 -9.14
CA ARG A 80 8.95 25.49 -8.53
C ARG A 80 8.62 26.57 -9.55
N LEU A 81 7.60 27.37 -9.27
CA LEU A 81 7.23 28.47 -10.18
C LEU A 81 7.93 29.77 -9.80
N ALA A 82 8.45 30.47 -10.81
CA ALA A 82 8.90 31.84 -10.66
C ALA A 82 7.74 32.81 -10.91
N LEU A 83 7.23 33.42 -9.85
CA LEU A 83 6.05 34.26 -9.96
C LEU A 83 6.39 35.60 -10.62
N ASP A 84 5.42 36.12 -11.36
CA ASP A 84 5.49 37.47 -11.91
C ASP A 84 5.58 38.46 -10.75
N PRO A 85 6.66 39.28 -10.70
CA PRO A 85 6.80 40.25 -9.60
C PRO A 85 5.65 41.25 -9.50
N LYS A 86 4.90 41.45 -10.58
CA LYS A 86 3.76 42.36 -10.56
C LYS A 86 2.49 41.69 -10.06
N ASP A 87 2.48 40.37 -10.04
CA ASP A 87 1.23 39.65 -9.84
C ASP A 87 1.51 38.21 -9.40
N PRO A 88 1.25 37.90 -8.12
CA PRO A 88 1.52 36.56 -7.58
C PRO A 88 0.55 35.50 -8.12
N ARG A 89 -0.40 35.91 -8.95
CA ARG A 89 -1.29 34.94 -9.59
C ARG A 89 -0.84 34.68 -11.04
N ARG A 90 0.34 35.18 -11.38
CA ARG A 90 0.95 34.88 -12.67
C ARG A 90 2.34 34.30 -12.47
N TYR A 91 2.81 33.49 -13.41
CA TYR A 91 4.12 32.86 -13.28
C TYR A 91 4.88 32.87 -14.61
N LEU A 92 6.21 32.82 -14.52
CA LEU A 92 7.08 33.01 -15.69
C LEU A 92 7.56 31.69 -16.25
N VAL A 93 7.37 31.51 -17.56
CA VAL A 93 7.97 30.39 -18.27
C VAL A 93 8.69 30.97 -19.49
N ASP A 94 9.98 30.70 -19.61
CA ASP A 94 10.80 31.28 -20.68
C ASP A 94 10.65 32.80 -20.73
N GLY A 95 10.55 33.42 -19.57
CA GLY A 95 10.48 34.87 -19.48
C GLY A 95 9.13 35.48 -19.84
N ARG A 96 8.13 34.63 -20.04
CA ARG A 96 6.80 35.05 -20.43
C ARG A 96 5.84 34.86 -19.26
N SER A 97 5.01 35.86 -18.98
CA SER A 97 4.10 35.80 -17.83
C SER A 97 2.79 35.12 -18.20
N LEU A 98 2.51 33.97 -17.57
CA LEU A 98 1.28 33.19 -17.81
C LEU A 98 0.32 33.32 -16.64
N PRO A 99 -1.00 33.35 -16.92
CA PRO A 99 -1.96 33.38 -15.81
C PRO A 99 -2.22 32.00 -15.24
N LEU A 100 -2.34 31.92 -13.91
CA LEU A 100 -2.89 30.74 -13.27
C LEU A 100 -4.35 30.58 -13.65
N GLU A 101 -4.79 29.33 -13.73
CA GLU A 101 -6.20 29.04 -13.95
C GLU A 101 -6.85 28.87 -12.59
N GLU A 102 -8.09 29.35 -12.46
CA GLU A 102 -8.84 29.19 -11.22
C GLU A 102 -10.06 28.36 -11.51
N LYS A 103 -10.24 27.28 -10.76
CA LYS A 103 -11.45 26.49 -10.88
C LYS A 103 -12.10 26.37 -9.52
N SER A 104 -13.34 26.82 -9.42
CA SER A 104 -14.08 26.71 -8.16
C SER A 104 -14.76 25.37 -8.05
N VAL A 105 -14.68 24.77 -6.87
CA VAL A 105 -15.46 23.59 -6.57
C VAL A 105 -16.51 23.98 -5.56
N ALA A 106 -17.71 23.43 -5.71
CA ALA A 106 -18.80 23.71 -4.79
C ALA A 106 -19.10 22.46 -3.98
N ILE A 107 -19.15 22.63 -2.66
CA ILE A 107 -19.36 21.51 -1.74
C ILE A 107 -20.56 21.81 -0.84
N GLU A 108 -21.42 20.83 -0.61
CA GLU A 108 -22.54 20.99 0.33
C GLU A 108 -22.12 20.53 1.72
N VAL A 109 -22.47 21.31 2.74
CA VAL A 109 -22.06 21.00 4.10
C VAL A 109 -23.28 20.92 5.01
N ARG A 110 -23.41 19.81 5.72
CA ARG A 110 -24.51 19.64 6.66
C ARG A 110 -24.17 20.33 7.97
N GLY A 111 -25.06 21.22 8.42
CA GLY A 111 -24.78 22.01 9.61
C GLY A 111 -25.39 21.40 10.86
N ALA A 112 -25.20 22.09 11.98
CA ALA A 112 -25.81 21.68 13.25
C ALA A 112 -27.31 21.48 13.10
N ASP A 113 -27.98 22.47 12.50
CA ASP A 113 -29.42 22.44 12.33
C ASP A 113 -29.89 21.36 11.34
N GLY A 114 -28.95 20.72 10.67
CA GLY A 114 -29.28 19.69 9.70
C GLY A 114 -29.56 20.23 8.31
N LYS A 115 -29.39 21.54 8.14
CA LYS A 115 -29.60 22.17 6.85
C LYS A 115 -28.28 22.16 6.05
N LEU A 116 -28.39 22.16 4.73
CA LEU A 116 -27.20 22.19 3.88
C LEU A 116 -26.80 23.61 3.52
N SER A 117 -25.51 23.89 3.59
CA SER A 117 -24.96 25.16 3.10
C SER A 117 -23.94 24.87 2.02
N ARG A 118 -23.74 25.84 1.12
CA ARG A 118 -22.84 25.67 0.00
C ARG A 118 -21.49 26.34 0.27
N VAL A 119 -20.40 25.60 0.12
CA VAL A 119 -19.07 26.16 0.22
C VAL A 119 -18.43 26.18 -1.17
N GLU A 120 -17.92 27.33 -1.59
CA GLU A 120 -17.22 27.44 -2.87
C GLU A 120 -15.76 27.73 -2.61
N HIS A 121 -14.90 26.90 -3.18
CA HIS A 121 -13.46 26.99 -2.93
C HIS A 121 -12.69 27.02 -4.26
N LYS A 122 -11.76 27.97 -4.37
CA LYS A 122 -10.93 28.12 -5.57
C LYS A 122 -9.72 27.19 -5.54
N VAL A 123 -9.56 26.41 -6.61
CA VAL A 123 -8.38 25.59 -6.81
C VAL A 123 -7.56 26.19 -7.95
N TYR A 124 -6.37 26.69 -7.62
CA TYR A 124 -5.50 27.31 -8.61
C TYR A 124 -4.67 26.28 -9.34
N GLN A 125 -4.54 26.44 -10.66
CA GLN A 125 -3.81 25.48 -11.47
C GLN A 125 -2.86 26.18 -12.42
N SER A 126 -1.73 25.53 -12.66
CA SER A 126 -0.73 25.96 -13.64
C SER A 126 -0.73 24.98 -14.80
N ILE A 127 0.09 25.25 -15.83
CA ILE A 127 0.20 24.31 -16.95
C ILE A 127 0.66 22.93 -16.48
N TYR A 128 1.27 22.87 -15.30
CA TYR A 128 1.79 21.61 -14.74
C TYR A 128 0.77 20.83 -13.92
N GLY A 129 -0.19 21.54 -13.35
CA GLY A 129 -1.12 20.94 -12.41
C GLY A 129 -1.40 21.92 -11.30
N PRO A 130 -2.08 21.46 -10.23
CA PRO A 130 -2.55 22.33 -9.15
C PRO A 130 -1.42 22.85 -8.30
N LEU A 131 -1.60 24.03 -7.72
CA LEU A 131 -0.61 24.51 -6.77
C LEU A 131 -0.79 23.82 -5.41
N VAL A 132 0.30 23.62 -4.70
CA VAL A 132 0.30 22.98 -3.39
C VAL A 132 1.14 23.80 -2.40
N VAL A 133 0.70 23.83 -1.14
CA VAL A 133 1.41 24.58 -0.12
C VAL A 133 1.69 23.69 1.09
N TRP A 134 2.97 23.60 1.46
CA TRP A 134 3.40 23.12 2.78
C TRP A 134 3.93 24.32 3.56
N PRO A 135 3.12 24.86 4.49
CA PRO A 135 3.55 26.07 5.22
C PRO A 135 4.90 25.89 5.89
N GLY A 136 5.82 26.83 5.64
CA GLY A 136 7.16 26.75 6.20
C GLY A 136 8.17 26.03 5.31
N LYS A 137 7.69 25.37 4.27
CA LYS A 137 8.59 24.65 3.35
C LYS A 137 8.29 24.93 1.89
N LEU A 138 7.06 24.66 1.46
CA LEU A 138 6.60 24.99 0.11
C LEU A 138 5.53 26.07 0.20
N ASP A 139 5.94 27.33 0.27
CA ASP A 139 4.97 28.40 0.44
C ASP A 139 4.51 28.96 -0.90
N TRP A 140 3.51 29.82 -0.85
CA TRP A 140 3.12 30.59 -2.00
C TRP A 140 3.26 32.03 -1.56
N ASN A 141 4.41 32.64 -1.86
CA ASN A 141 4.64 34.03 -1.49
C ASN A 141 4.66 34.89 -2.74
N ARG A 142 5.34 36.03 -2.72
CA ARG A 142 5.29 36.90 -3.89
C ARG A 142 6.41 36.56 -4.87
N SER A 143 7.25 35.61 -4.48
CA SER A 143 8.41 35.23 -5.29
C SER A 143 8.25 33.86 -5.96
N GLU A 144 7.68 32.90 -5.24
CA GLU A 144 7.61 31.54 -5.75
C GLU A 144 6.37 30.83 -5.26
N ALA A 145 6.00 29.78 -5.98
CA ALA A 145 4.96 28.86 -5.57
C ALA A 145 5.32 27.49 -6.14
N TYR A 146 4.58 26.46 -5.76
CA TYR A 146 4.88 25.12 -6.23
C TYR A 146 3.65 24.48 -6.84
N ALA A 147 3.85 23.86 -8.00
CA ALA A 147 2.78 23.07 -8.62
C ALA A 147 3.17 21.60 -8.64
N LEU A 148 2.18 20.72 -8.75
CA LEU A 148 2.41 19.28 -8.72
C LEU A 148 1.86 18.60 -9.96
N ARG A 149 2.72 17.88 -10.67
CA ARG A 149 2.27 17.07 -11.80
C ARG A 149 2.35 15.60 -11.44
N ASP A 150 1.18 14.96 -11.40
CA ASP A 150 1.04 13.56 -11.05
C ASP A 150 1.00 12.71 -12.32
N ALA A 151 1.94 11.77 -12.46
CA ALA A 151 2.06 11.03 -13.70
C ALA A 151 0.87 10.07 -13.89
N ASN A 152 0.22 9.67 -12.80
CA ASN A 152 -0.89 8.71 -12.93
C ASN A 152 -2.25 9.34 -13.21
N LEU A 153 -2.31 10.66 -13.25
CA LEU A 153 -3.58 11.33 -13.57
C LEU A 153 -4.03 11.01 -14.99
N GLU A 154 -3.09 10.77 -15.88
CA GLU A 154 -3.41 10.39 -17.25
C GLU A 154 -3.30 8.87 -17.49
N ASN A 155 -3.14 8.10 -16.42
CA ASN A 155 -3.04 6.65 -16.57
C ASN A 155 -4.42 5.99 -16.59
N THR A 156 -5.02 5.96 -17.78
CA THR A 156 -6.31 5.34 -18.01
C THR A 156 -6.20 3.82 -18.21
N ARG A 157 -4.97 3.30 -18.08
CA ARG A 157 -4.65 1.92 -18.40
C ARG A 157 -4.63 1.02 -17.16
N VAL A 158 -4.91 1.60 -16.00
CA VAL A 158 -4.67 0.88 -14.75
C VAL A 158 -5.56 -0.37 -14.55
N LEU A 159 -6.84 -0.29 -14.88
CA LEU A 159 -7.72 -1.46 -14.75
C LEU A 159 -7.39 -2.50 -15.81
N GLN A 160 -7.17 -2.03 -17.04
CA GLN A 160 -6.80 -2.95 -18.10
CA GLN A 160 -6.76 -2.90 -18.14
C GLN A 160 -5.52 -3.69 -17.77
N GLN A 161 -4.61 -3.03 -17.04
CA GLN A 161 -3.34 -3.64 -16.69
C GLN A 161 -3.53 -4.86 -15.79
N TRP A 162 -4.37 -4.77 -14.77
CA TRP A 162 -4.59 -5.96 -13.93
C TRP A 162 -5.52 -6.97 -14.60
N TYR A 163 -6.44 -6.51 -15.44
CA TYR A 163 -7.24 -7.42 -16.27
C TYR A 163 -6.27 -8.28 -17.09
N SER A 164 -5.24 -7.64 -17.63
CA SER A 164 -4.24 -8.34 -18.43
C SER A 164 -3.36 -9.27 -17.58
N ILE A 165 -2.88 -8.78 -16.44
CA ILE A 165 -2.10 -9.62 -15.53
C ILE A 165 -2.91 -10.86 -15.15
N ASN A 166 -4.21 -10.67 -14.91
CA ASN A 166 -5.09 -11.77 -14.54
C ASN A 166 -5.13 -12.88 -15.60
N GLN A 167 -4.74 -12.54 -16.83
CA GLN A 167 -4.77 -13.49 -17.94
C GLN A 167 -3.39 -14.08 -18.24
N ALA A 168 -2.36 -13.61 -17.53
CA ALA A 168 -0.98 -14.03 -17.79
C ALA A 168 -0.75 -15.52 -17.51
N SER A 169 -0.03 -16.18 -18.40
CA SER A 169 0.21 -17.62 -18.26
C SER A 169 1.43 -17.90 -17.39
N ASP A 170 2.56 -17.25 -17.69
CA ASP A 170 3.78 -17.49 -16.91
C ASP A 170 4.55 -16.20 -16.73
N VAL A 171 5.76 -16.29 -16.19
CA VAL A 171 6.57 -15.10 -15.91
C VAL A 171 6.90 -14.31 -17.19
N ALA A 172 7.29 -15.00 -18.26
CA ALA A 172 7.61 -14.32 -19.51
C ALA A 172 6.39 -13.57 -20.02
N ASP A 173 5.22 -14.19 -19.92
CA ASP A 173 3.98 -13.60 -20.39
C ASP A 173 3.60 -12.39 -19.53
N LEU A 174 3.72 -12.56 -18.22
CA LEU A 174 3.45 -11.45 -17.31
C LEU A 174 4.32 -10.24 -17.66
N ARG A 175 5.61 -10.47 -17.89
CA ARG A 175 6.52 -9.38 -18.20
C ARG A 175 6.11 -8.67 -19.49
N ARG A 176 5.79 -9.43 -20.54
CA ARG A 176 5.32 -8.83 -21.78
C ARG A 176 4.10 -7.94 -21.56
N ARG A 177 3.15 -8.45 -20.78
CA ARG A 177 1.87 -7.76 -20.61
C ARG A 177 2.01 -6.47 -19.82
N VAL A 178 2.96 -6.44 -18.90
CA VAL A 178 3.19 -5.26 -18.08
C VAL A 178 4.00 -4.23 -18.85
N GLU A 179 5.05 -4.68 -19.54
CA GLU A 179 5.87 -3.76 -20.31
C GLU A 179 5.08 -3.17 -21.49
N ALA A 180 4.13 -3.91 -22.01
CA ALA A 180 3.34 -3.43 -23.14
C ALA A 180 2.43 -2.27 -22.74
N LEU A 181 1.74 -2.43 -21.63
CA LEU A 181 0.70 -1.49 -21.23
C LEU A 181 1.19 -0.37 -20.31
N GLN A 182 2.18 -0.68 -19.48
CA GLN A 182 2.70 0.30 -18.51
C GLN A 182 1.59 0.96 -17.69
N GLY A 183 0.68 0.15 -17.17
CA GLY A 183 -0.45 0.70 -16.44
C GLY A 183 -0.35 0.60 -14.93
N ILE A 184 0.76 0.05 -14.43
CA ILE A 184 0.96 -0.09 -12.98
C ILE A 184 1.35 1.24 -12.34
N PRO A 185 0.51 1.74 -11.42
CA PRO A 185 0.72 3.11 -10.93
C PRO A 185 1.95 3.31 -10.03
N TRP A 186 2.12 2.52 -8.99
CA TRP A 186 3.19 2.87 -8.04
C TRP A 186 3.71 1.69 -7.23
N VAL A 187 3.72 0.50 -7.83
CA VAL A 187 4.32 -0.65 -7.16
C VAL A 187 5.28 -1.43 -8.04
N ASN A 188 6.24 -2.07 -7.38
CA ASN A 188 7.01 -3.17 -7.97
C ASN A 188 6.11 -4.38 -8.21
N THR A 189 6.59 -5.28 -9.07
CA THR A 189 5.92 -6.54 -9.32
C THR A 189 6.94 -7.66 -9.15
N LEU A 190 6.60 -8.67 -8.35
CA LEU A 190 7.46 -9.84 -8.21
C LEU A 190 6.62 -11.09 -8.49
N ALA A 191 7.24 -12.09 -9.11
CA ALA A 191 6.47 -13.25 -9.58
C ALA A 191 7.34 -14.48 -9.71
N ALA A 192 6.69 -15.64 -9.69
CA ALA A 192 7.35 -16.91 -9.95
C ALA A 192 6.40 -17.80 -10.73
N ASP A 193 6.95 -18.67 -11.57
CA ASP A 193 6.09 -19.59 -12.30
C ASP A 193 6.52 -21.02 -12.06
N GLU A 194 5.72 -21.96 -12.54
CA GLU A 194 5.97 -23.37 -12.27
C GLU A 194 7.31 -23.82 -12.84
N GLN A 195 7.73 -23.23 -13.95
CA GLN A 195 8.98 -23.63 -14.59
C GLN A 195 10.22 -23.17 -13.81
N GLY A 196 10.02 -22.29 -12.82
CA GLY A 196 11.13 -21.97 -11.92
C GLY A 196 11.78 -20.64 -12.21
N ASN A 197 11.06 -19.75 -12.90
CA ASN A 197 11.53 -18.38 -13.12
C ASN A 197 11.12 -17.48 -11.97
N ALA A 198 12.03 -16.62 -11.53
CA ALA A 198 11.71 -15.60 -10.52
C ALA A 198 11.95 -14.21 -11.12
N LEU A 199 10.91 -13.38 -11.09
CA LEU A 199 10.93 -12.09 -11.76
C LEU A 199 10.74 -10.93 -10.80
N TYR A 200 11.58 -9.92 -10.94
CA TYR A 200 11.34 -8.63 -10.30
C TYR A 200 11.21 -7.56 -11.38
N MET A 201 10.19 -6.72 -11.25
CA MET A 201 10.01 -5.58 -12.15
C MET A 201 9.71 -4.31 -11.36
N ASN A 202 10.53 -3.29 -11.59
CA ASN A 202 10.22 -1.95 -11.11
C ASN A 202 9.46 -1.26 -12.24
N GLN A 203 8.38 -1.88 -12.71
CA GLN A 203 7.71 -1.40 -13.91
C GLN A 203 6.43 -0.66 -13.55
N SER A 204 6.55 0.65 -13.37
CA SER A 204 5.40 1.46 -13.04
C SER A 204 5.40 2.73 -13.87
N VAL A 205 4.52 3.66 -13.49
CA VAL A 205 4.35 4.91 -14.22
C VAL A 205 5.20 5.99 -13.56
N VAL A 206 6.30 6.36 -14.21
CA VAL A 206 7.32 7.26 -13.63
C VAL A 206 7.66 8.41 -14.59
N PRO A 207 7.59 9.67 -14.11
CA PRO A 207 7.94 10.84 -14.94
C PRO A 207 9.29 10.63 -15.60
N TYR A 208 9.41 11.02 -16.87
CA TYR A 208 10.64 10.81 -17.61
C TYR A 208 11.37 12.12 -17.90
N LEU A 209 12.64 12.21 -17.51
CA LEU A 209 13.52 13.29 -17.98
C LEU A 209 14.76 12.67 -18.61
N LYS A 210 15.08 13.08 -19.83
CA LYS A 210 16.30 12.62 -20.48
C LYS A 210 17.48 12.99 -19.58
N PRO A 211 18.51 12.12 -19.54
CA PRO A 211 19.62 12.25 -18.61
C PRO A 211 20.28 13.63 -18.60
N GLU A 212 20.43 14.23 -19.78
CA GLU A 212 21.14 15.50 -19.91
C GLU A 212 20.30 16.67 -19.39
N LEU A 213 19.07 16.40 -18.98
CA LEU A 213 18.18 17.46 -18.50
C LEU A 213 18.18 17.53 -16.98
N ILE A 214 18.55 16.43 -16.34
CA ILE A 214 18.37 16.29 -14.90
C ILE A 214 19.23 17.22 -14.05
N PRO A 215 20.54 17.34 -14.33
CA PRO A 215 21.29 18.29 -13.51
C PRO A 215 20.78 19.73 -13.63
N ALA A 216 20.24 20.10 -14.79
CA ALA A 216 19.82 21.47 -15.03
C ALA A 216 18.39 21.72 -14.55
N CYS A 217 17.57 20.68 -14.57
CA CYS A 217 16.17 20.87 -14.24
C CYS A 217 15.86 20.58 -12.76
N ALA A 218 16.79 19.99 -12.04
CA ALA A 218 16.53 19.71 -10.63
C ALA A 218 16.62 20.99 -9.78
N ILE A 219 15.84 21.02 -8.70
CA ILE A 219 16.05 22.01 -7.64
C ILE A 219 16.96 21.33 -6.61
N PRO A 220 18.25 21.67 -6.60
CA PRO A 220 19.25 20.89 -5.85
C PRO A 220 18.92 20.69 -4.36
N GLN A 221 18.51 21.75 -3.68
CA GLN A 221 18.27 21.66 -2.24
C GLN A 221 17.03 20.82 -1.92
N LEU A 222 16.02 20.88 -2.78
CA LEU A 222 14.82 20.07 -2.56
C LEU A 222 15.03 18.60 -2.90
N VAL A 223 15.74 18.30 -4.00
CA VAL A 223 15.95 16.90 -4.34
C VAL A 223 16.89 16.24 -3.32
N ALA A 224 17.80 17.03 -2.75
CA ALA A 224 18.69 16.51 -1.72
C ALA A 224 17.88 16.14 -0.48
N GLU A 225 16.70 16.72 -0.34
CA GLU A 225 15.85 16.45 0.81
C GLU A 225 14.75 15.45 0.48
N GLY A 226 14.80 14.86 -0.72
CA GLY A 226 13.90 13.77 -1.08
C GLY A 226 12.73 14.11 -1.98
N LEU A 227 12.58 15.37 -2.34
CA LEU A 227 11.45 15.79 -3.17
C LEU A 227 11.84 15.86 -4.65
N PRO A 228 10.99 15.32 -5.52
CA PRO A 228 11.28 15.38 -6.96
C PRO A 228 10.91 16.73 -7.55
N ALA A 229 11.74 17.75 -7.28
CA ALA A 229 11.37 19.12 -7.62
C ALA A 229 12.14 19.61 -8.85
N LEU A 230 11.41 20.25 -9.77
CA LEU A 230 11.98 20.71 -11.03
C LEU A 230 11.83 22.22 -11.22
N GLN A 231 12.58 22.79 -12.15
CA GLN A 231 12.49 24.21 -12.45
C GLN A 231 11.28 24.48 -13.35
N GLY A 232 10.24 25.09 -12.79
CA GLY A 232 9.03 25.34 -13.53
C GLY A 232 9.05 26.61 -14.37
N GLN A 233 10.18 27.31 -14.41
CA GLN A 233 10.26 28.55 -15.19
C GLN A 233 10.95 28.34 -16.54
N ASP A 234 11.24 27.09 -16.87
CA ASP A 234 11.97 26.69 -18.09
C ASP A 234 11.14 25.62 -18.81
N SER A 235 10.67 25.93 -20.01
CA SER A 235 9.84 24.98 -20.75
C SER A 235 10.60 23.70 -21.10
N ARG A 236 11.93 23.75 -21.04
CA ARG A 236 12.74 22.58 -21.38
C ARG A 236 12.70 21.54 -20.26
N CYS A 237 12.15 21.91 -19.10
CA CYS A 237 12.08 21.00 -17.97
C CYS A 237 10.75 20.26 -17.92
N ALA A 238 10.00 20.36 -19.00
CA ALA A 238 8.82 19.51 -19.22
C ALA A 238 9.26 18.05 -19.28
N TRP A 239 8.41 17.12 -18.83
CA TRP A 239 8.77 15.71 -18.93
C TRP A 239 9.06 15.35 -20.38
N SER A 240 10.10 14.54 -20.57
CA SER A 240 10.57 14.22 -21.92
C SER A 240 9.62 13.26 -22.63
N ARG A 241 9.56 13.37 -23.95
CA ARG A 241 8.73 12.49 -24.76
C ARG A 241 9.60 11.40 -25.38
N ASP A 242 9.10 10.18 -25.32
CA ASP A 242 9.72 9.04 -25.98
C ASP A 242 8.58 8.22 -26.55
N PRO A 243 8.55 8.06 -27.88
CA PRO A 243 7.42 7.42 -28.55
C PRO A 243 7.24 5.96 -28.13
N ALA A 244 8.27 5.38 -27.53
CA ALA A 244 8.21 4.01 -27.04
C ALA A 244 7.38 3.90 -25.75
N ALA A 245 7.19 5.03 -25.05
CA ALA A 245 6.45 4.99 -23.80
C ALA A 245 4.95 4.90 -24.05
N ALA A 246 4.22 4.22 -23.18
CA ALA A 246 2.80 4.00 -23.40
C ALA A 246 2.00 5.28 -23.13
N GLN A 247 2.62 6.26 -22.48
CA GLN A 247 1.95 7.49 -22.10
C GLN A 247 2.95 8.65 -22.27
N ALA A 248 2.51 9.75 -22.86
CA ALA A 248 3.39 10.88 -23.10
C ALA A 248 3.97 11.39 -21.78
N GLY A 249 5.29 11.43 -21.69
CA GLY A 249 5.96 11.97 -20.53
C GLY A 249 6.40 10.95 -19.49
N ILE A 250 6.07 9.68 -19.70
CA ILE A 250 6.49 8.67 -18.70
C ILE A 250 7.67 7.88 -19.23
N THR A 251 8.35 7.18 -18.32
CA THR A 251 9.58 6.48 -18.66
C THR A 251 9.28 5.22 -19.47
N PRO A 252 9.94 5.04 -20.62
CA PRO A 252 9.66 3.83 -21.41
C PRO A 252 10.11 2.57 -20.68
N ALA A 253 9.44 1.45 -20.93
CA ALA A 253 9.66 0.22 -20.17
C ALA A 253 11.11 -0.26 -20.21
N ALA A 254 11.80 0.04 -21.30
CA ALA A 254 13.17 -0.42 -21.48
C ALA A 254 14.15 0.22 -20.49
N GLN A 255 13.76 1.36 -19.92
CA GLN A 255 14.63 2.08 -18.99
C GLN A 255 14.25 1.88 -17.53
N LEU A 256 13.38 0.91 -17.27
CA LEU A 256 12.96 0.61 -15.90
C LEU A 256 13.53 -0.73 -15.46
N PRO A 257 13.94 -0.83 -14.19
CA PRO A 257 14.62 -2.05 -13.72
C PRO A 257 13.80 -3.32 -13.85
N VAL A 258 14.45 -4.37 -14.37
CA VAL A 258 13.88 -5.71 -14.41
C VAL A 258 15.00 -6.71 -14.09
N LEU A 259 14.70 -7.69 -13.27
CA LEU A 259 15.63 -8.77 -13.01
C LEU A 259 14.94 -10.11 -13.14
N LEU A 260 15.45 -10.93 -14.04
CA LEU A 260 14.92 -12.28 -14.25
C LEU A 260 15.96 -13.28 -13.79
N ARG A 261 15.65 -14.08 -12.78
CA ARG A 261 16.65 -15.00 -12.27
C ARG A 261 16.08 -16.37 -11.95
N ARG A 262 16.94 -17.32 -11.64
CA ARG A 262 16.45 -18.64 -11.27
C ARG A 262 16.80 -19.00 -9.83
N ASP A 263 17.41 -18.08 -9.09
CA ASP A 263 17.65 -18.33 -7.67
C ASP A 263 16.61 -17.61 -6.82
N PHE A 264 16.72 -16.29 -6.66
CA PHE A 264 15.65 -15.52 -6.01
C PHE A 264 15.69 -14.04 -6.39
N VAL A 265 14.58 -13.36 -6.09
CA VAL A 265 14.53 -11.91 -6.04
C VAL A 265 13.66 -11.52 -4.84
N GLN A 266 13.96 -10.38 -4.22
CA GLN A 266 13.19 -9.93 -3.06
C GLN A 266 13.02 -8.43 -3.10
N ASN A 267 11.98 -7.94 -2.41
CA ASN A 267 11.89 -6.52 -2.16
C ASN A 267 11.11 -6.25 -0.88
N SER A 268 11.60 -5.28 -0.11
CA SER A 268 10.91 -4.82 1.08
C SER A 268 10.91 -3.29 1.09
N ASN A 269 10.54 -2.71 -0.05
CA ASN A 269 10.32 -1.27 -0.24
C ASN A 269 11.57 -0.42 -0.32
N ASP A 270 12.72 -1.05 -0.53
CA ASP A 270 13.89 -0.29 -0.93
C ASP A 270 13.88 -0.23 -2.45
N SER A 271 14.89 0.39 -3.04
CA SER A 271 14.96 0.52 -4.48
C SER A 271 15.29 -0.82 -5.13
N ALA A 272 15.32 -0.84 -6.46
CA ALA A 272 15.70 -2.02 -7.23
C ALA A 272 17.10 -2.53 -6.92
N TRP A 273 17.93 -1.68 -6.32
CA TRP A 273 19.38 -1.90 -6.25
C TRP A 273 19.77 -3.32 -5.86
N LEU A 274 19.34 -3.76 -4.68
CA LEU A 274 19.80 -5.04 -4.15
C LEU A 274 18.70 -6.10 -4.12
N THR A 275 17.81 -6.04 -5.10
CA THR A 275 16.81 -7.08 -5.35
C THR A 275 17.45 -8.47 -5.25
N ASN A 276 18.59 -8.66 -5.90
CA ASN A 276 19.49 -9.78 -5.60
C ASN A 276 20.92 -9.27 -5.67
N PRO A 277 21.60 -9.25 -4.52
CA PRO A 277 22.95 -8.64 -4.42
C PRO A 277 23.96 -9.26 -5.38
N ALA A 278 23.73 -10.49 -5.83
CA ALA A 278 24.66 -11.11 -6.78
C ALA A 278 24.58 -10.43 -8.14
N SER A 279 23.52 -9.66 -8.35
CA SER A 279 23.33 -8.94 -9.61
C SER A 279 22.67 -7.60 -9.36
N PRO A 280 23.44 -6.63 -8.83
CA PRO A 280 22.91 -5.32 -8.46
C PRO A 280 22.35 -4.57 -9.66
N LEU A 281 21.25 -3.87 -9.47
CA LEU A 281 20.65 -3.10 -10.53
C LEU A 281 21.05 -1.64 -10.35
N GLN A 282 21.86 -1.11 -11.25
CA GLN A 282 22.27 0.28 -11.04
C GLN A 282 22.15 1.03 -12.36
N GLY A 283 22.34 2.34 -12.31
CA GLY A 283 22.59 3.13 -13.50
C GLY A 283 21.28 3.67 -14.02
N PHE A 284 20.24 3.70 -13.18
CA PHE A 284 18.94 4.23 -13.58
C PHE A 284 18.79 5.71 -13.21
N SER A 285 17.78 6.36 -13.80
CA SER A 285 17.45 7.73 -13.39
C SER A 285 17.17 7.79 -11.89
N PRO A 286 17.56 8.91 -11.25
CA PRO A 286 17.28 9.11 -9.82
C PRO A 286 15.77 9.11 -9.53
N LEU A 287 14.95 9.37 -10.56
CA LEU A 287 13.50 9.32 -10.39
C LEU A 287 13.01 7.88 -10.28
N VAL A 288 13.87 6.96 -10.67
CA VAL A 288 13.49 5.57 -10.82
C VAL A 288 14.03 4.70 -9.70
N SER A 289 15.35 4.68 -9.57
CA SER A 289 16.00 3.84 -8.57
C SER A 289 17.37 4.39 -8.18
N GLN A 290 17.64 4.44 -6.89
CA GLN A 290 18.93 4.92 -6.39
C GLN A 290 19.59 3.89 -5.48
N GLU A 291 20.92 3.94 -5.39
CA GLU A 291 21.65 3.05 -4.50
C GLU A 291 21.73 3.63 -3.08
N LYS A 292 20.66 3.40 -2.31
CA LYS A 292 20.57 3.84 -0.92
C LYS A 292 20.72 2.66 0.03
N PRO A 293 21.18 2.92 1.26
CA PRO A 293 21.23 1.85 2.27
C PRO A 293 19.87 1.17 2.42
N ILE A 294 19.84 -0.17 2.49
CA ILE A 294 18.56 -0.84 2.60
C ILE A 294 18.06 -0.86 4.03
N GLY A 295 16.74 -0.94 4.19
CA GLY A 295 16.10 -1.01 5.50
C GLY A 295 16.27 -2.38 6.11
N PRO A 296 15.94 -2.51 7.40
CA PRO A 296 16.21 -3.76 8.12
C PRO A 296 15.35 -4.93 7.66
N ARG A 297 14.16 -4.68 7.11
CA ARG A 297 13.36 -5.80 6.61
C ARG A 297 14.07 -6.50 5.45
N ALA A 298 14.59 -5.73 4.49
CA ALA A 298 15.29 -6.33 3.35
C ALA A 298 16.59 -6.96 3.80
N ARG A 299 17.26 -6.30 4.73
CA ARG A 299 18.50 -6.84 5.25
C ARG A 299 18.23 -8.18 5.94
N TYR A 300 17.12 -8.24 6.68
CA TYR A 300 16.72 -9.51 7.31
C TYR A 300 16.48 -10.60 6.26
N ALA A 301 15.72 -10.25 5.23
CA ALA A 301 15.37 -11.24 4.21
C ALA A 301 16.63 -11.76 3.52
N LEU A 302 17.51 -10.86 3.15
CA LEU A 302 18.73 -11.26 2.46
C LEU A 302 19.60 -12.17 3.32
N SER A 303 19.57 -11.95 4.63
CA SER A 303 20.36 -12.76 5.55
C SER A 303 19.84 -14.19 5.57
N ARG A 304 18.53 -14.36 5.33
CA ARG A 304 17.95 -15.70 5.29
C ARG A 304 18.06 -16.32 3.90
N LEU A 305 18.13 -15.48 2.87
CA LEU A 305 18.04 -15.96 1.48
C LEU A 305 19.40 -16.29 0.86
N GLN A 306 20.44 -15.58 1.25
CA GLN A 306 21.75 -15.82 0.67
C GLN A 306 22.34 -17.15 1.15
N GLY A 307 23.14 -17.77 0.30
CA GLY A 307 23.71 -19.06 0.62
C GLY A 307 23.33 -20.09 -0.42
N LYS A 308 23.63 -21.35 -0.14
CA LYS A 308 23.46 -22.42 -1.12
C LYS A 308 22.35 -23.40 -0.74
N GLN A 309 21.74 -23.20 0.41
CA GLN A 309 20.76 -24.18 0.90
C GLN A 309 19.40 -23.97 0.27
N PRO A 310 18.71 -25.09 -0.03
CA PRO A 310 17.38 -25.04 -0.65
C PRO A 310 16.36 -24.28 0.19
N LEU A 311 15.45 -23.59 -0.46
CA LEU A 311 14.40 -22.88 0.25
C LEU A 311 13.10 -23.66 0.14
N GLU A 312 12.52 -23.96 1.30
CA GLU A 312 11.23 -24.64 1.37
C GLU A 312 10.11 -23.64 1.60
N ALA A 313 8.88 -24.06 1.31
CA ALA A 313 7.72 -23.24 1.63
C ALA A 313 7.71 -22.86 3.10
N LYS A 314 8.00 -23.83 3.96
CA LYS A 314 8.01 -23.58 5.39
C LYS A 314 9.07 -22.53 5.77
N THR A 315 10.17 -22.49 5.03
CA THR A 315 11.19 -21.47 5.28
C THR A 315 10.63 -20.05 5.08
N LEU A 316 9.94 -19.83 3.98
CA LEU A 316 9.39 -18.51 3.69
C LEU A 316 8.27 -18.16 4.66
N GLU A 317 7.44 -19.14 4.97
CA GLU A 317 6.37 -18.94 5.94
C GLU A 317 6.93 -18.49 7.27
N GLU A 318 7.97 -19.18 7.74
CA GLU A 318 8.51 -18.86 9.06
C GLU A 318 9.31 -17.56 9.09
N MET A 319 9.75 -17.06 7.94
CA MET A 319 10.31 -15.70 7.91
C MET A 319 9.27 -14.68 8.34
N VAL A 320 8.01 -14.97 8.07
CA VAL A 320 6.95 -14.09 8.54
C VAL A 320 6.54 -14.42 9.98
N THR A 321 6.30 -15.69 10.26
CA THR A 321 5.71 -16.04 11.56
C THR A 321 6.72 -16.04 12.70
N ALA A 322 8.01 -15.88 12.40
CA ALA A 322 9.02 -15.81 13.47
C ALA A 322 8.90 -14.52 14.27
N ASN A 323 8.36 -13.47 13.64
CA ASN A 323 8.25 -12.16 14.29
C ASN A 323 9.58 -11.62 14.83
N HIS A 324 10.68 -11.98 14.16
CA HIS A 324 11.97 -11.54 14.65
C HIS A 324 12.22 -10.06 14.44
N VAL A 325 12.65 -9.38 15.51
CA VAL A 325 12.95 -7.94 15.43
C VAL A 325 14.40 -7.79 15.00
N PHE A 326 14.63 -7.70 13.69
CA PHE A 326 15.99 -7.79 13.15
C PHE A 326 16.88 -6.63 13.62
N SER A 327 16.29 -5.46 13.84
CA SER A 327 17.05 -4.32 14.38
C SER A 327 17.80 -4.66 15.66
N ALA A 328 17.26 -5.59 16.44
CA ALA A 328 17.95 -6.03 17.66
C ALA A 328 19.31 -6.67 17.35
N ASP A 329 19.41 -7.34 16.20
CA ASP A 329 20.69 -7.96 15.82
C ASP A 329 21.81 -6.91 15.71
N GLN A 330 21.43 -5.70 15.31
CA GLN A 330 22.40 -4.63 15.11
C GLN A 330 22.82 -3.95 16.40
N VAL A 331 21.89 -3.79 17.33
CA VAL A 331 22.19 -2.91 18.46
C VAL A 331 22.06 -3.55 19.85
N LEU A 332 21.29 -4.62 19.98
CA LEU A 332 21.08 -5.23 21.30
C LEU A 332 22.32 -5.87 21.95
N PRO A 333 23.19 -6.54 21.17
CA PRO A 333 24.37 -7.09 21.84
C PRO A 333 25.22 -6.03 22.55
N ASP A 334 25.48 -4.92 21.86
CA ASP A 334 26.27 -3.85 22.45
C ASP A 334 25.46 -3.14 23.54
N LEU A 335 24.15 -3.06 23.36
CA LEU A 335 23.32 -2.43 24.37
C LEU A 335 23.39 -3.24 25.66
N LEU A 336 23.38 -4.56 25.53
CA LEU A 336 23.46 -5.41 26.71
C LEU A 336 24.81 -5.27 27.40
N ARG A 337 25.86 -5.03 26.63
CA ARG A 337 27.19 -4.82 27.21
C ARG A 337 27.17 -3.54 28.05
N LEU A 338 26.51 -2.51 27.52
CA LEU A 338 26.36 -1.25 28.25
C LEU A 338 25.62 -1.47 29.56
N CYS A 339 24.54 -2.25 29.50
CA CYS A 339 23.77 -2.62 30.68
C CYS A 339 24.69 -3.26 31.74
N ARG A 340 25.50 -4.22 31.31
CA ARG A 340 26.41 -4.91 32.23
C ARG A 340 27.47 -3.97 32.80
N ASP A 341 27.80 -2.92 32.05
CA ASP A 341 28.77 -1.93 32.53
C ASP A 341 28.17 -0.94 33.52
N ASN A 342 26.85 -0.98 33.66
CA ASN A 342 26.16 0.00 34.50
C ASN A 342 25.25 -0.65 35.53
N GLN A 343 25.69 -1.76 36.10
CA GLN A 343 25.03 -2.31 37.26
C GLN A 343 25.28 -1.34 38.40
N GLY A 344 24.29 -1.14 39.25
CA GLY A 344 24.41 -0.13 40.29
C GLY A 344 23.63 1.11 39.92
N GLU A 345 23.45 1.33 38.63
CA GLU A 345 22.56 2.39 38.18
C GLU A 345 21.14 1.86 38.31
N LYS A 346 20.55 2.12 39.47
CA LYS A 346 19.23 1.60 39.82
C LYS A 346 18.16 1.89 38.77
N SER A 347 18.25 3.06 38.15
CA SER A 347 17.25 3.48 37.16
C SER A 347 17.23 2.57 35.93
N LEU A 348 18.35 1.89 35.67
CA LEU A 348 18.47 1.05 34.48
C LEU A 348 18.16 -0.41 34.74
N ALA A 349 17.98 -0.76 36.01
CA ALA A 349 17.85 -2.17 36.43
C ALA A 349 16.72 -2.92 35.73
N ARG A 350 15.51 -2.37 35.77
CA ARG A 350 14.35 -3.03 35.19
C ARG A 350 14.47 -3.16 33.68
N ALA A 351 14.94 -2.11 33.02
CA ALA A 351 15.07 -2.10 31.57
C ALA A 351 16.09 -3.12 31.10
N CYS A 352 17.23 -3.16 31.78
CA CYS A 352 18.28 -4.08 31.38
C CYS A 352 17.86 -5.53 31.62
N ALA A 353 17.15 -5.77 32.72
CA ALA A 353 16.61 -7.10 32.98
C ALA A 353 15.66 -7.51 31.87
N ALA A 354 14.71 -6.65 31.54
CA ALA A 354 13.75 -6.93 30.49
C ALA A 354 14.43 -7.20 29.13
N LEU A 355 15.39 -6.35 28.78
CA LEU A 355 16.08 -6.50 27.49
C LEU A 355 16.87 -7.82 27.44
N ALA A 356 17.40 -8.25 28.58
CA ALA A 356 18.18 -9.47 28.65
C ALA A 356 17.33 -10.74 28.54
N GLN A 357 16.12 -10.70 29.11
CA GLN A 357 15.20 -11.84 29.07
C GLN A 357 14.50 -12.00 27.74
N TRP A 358 14.42 -10.90 27.01
CA TRP A 358 13.61 -10.78 25.79
C TRP A 358 14.01 -11.79 24.70
N ASP A 359 13.02 -12.37 24.04
CA ASP A 359 13.28 -13.34 22.97
C ASP A 359 13.58 -12.64 21.64
N ARG A 360 13.73 -11.33 21.69
CA ARG A 360 14.06 -10.51 20.51
C ARG A 360 12.99 -10.61 19.42
N GLY A 361 11.77 -10.93 19.84
CA GLY A 361 10.68 -11.07 18.90
C GLY A 361 9.51 -10.14 19.20
N ALA A 362 8.56 -10.11 18.26
CA ALA A 362 7.30 -9.43 18.46
C ALA A 362 6.16 -10.45 18.54
N ASN A 363 6.42 -11.55 19.25
CA ASN A 363 5.41 -12.58 19.45
C ASN A 363 4.38 -12.17 20.49
N LEU A 364 3.26 -12.88 20.55
CA LEU A 364 2.26 -12.62 21.58
C LEU A 364 2.89 -12.72 22.97
N ASP A 365 3.76 -13.70 23.15
CA ASP A 365 4.39 -13.96 24.45
C ASP A 365 5.72 -13.24 24.69
N SER A 366 6.11 -12.37 23.77
CA SER A 366 7.36 -11.64 23.95
C SER A 366 7.24 -10.68 25.13
N GLY A 367 8.28 -10.63 25.95
CA GLY A 367 8.24 -9.82 27.16
C GLY A 367 8.40 -8.33 26.93
N SER A 368 8.30 -7.56 28.01
CA SER A 368 8.39 -6.10 27.96
C SER A 368 9.68 -5.56 27.32
N GLY A 369 10.68 -6.42 27.13
CA GLY A 369 11.90 -6.03 26.44
C GLY A 369 11.65 -5.42 25.06
N PHE A 370 10.63 -5.91 24.36
CA PHE A 370 10.26 -5.33 23.06
C PHE A 370 9.88 -3.86 23.20
N VAL A 371 9.06 -3.55 24.20
CA VAL A 371 8.63 -2.18 24.41
C VAL A 371 9.81 -1.28 24.82
N TYR A 372 10.62 -1.75 25.77
CA TYR A 372 11.85 -1.03 26.12
C TYR A 372 12.73 -0.77 24.90
N PHE A 373 12.90 -1.81 24.08
CA PHE A 373 13.75 -1.72 22.91
C PHE A 373 13.23 -0.73 21.88
N GLN A 374 11.92 -0.73 21.66
CA GLN A 374 11.30 0.20 20.73
C GLN A 374 11.53 1.66 21.15
N ARG A 375 11.28 1.95 22.41
CA ARG A 375 11.45 3.30 22.92
C ARG A 375 12.90 3.76 22.89
N PHE A 376 13.81 2.82 23.14
CA PHE A 376 15.24 3.11 23.03
C PHE A 376 15.64 3.39 21.58
N MET A 377 15.23 2.50 20.69
CA MET A 377 15.56 2.61 19.28
C MET A 377 15.09 3.93 18.68
N GLN A 378 13.90 4.37 19.07
CA GLN A 378 13.35 5.64 18.61
C GLN A 378 14.34 6.77 18.93
N ARG A 379 14.92 6.72 20.13
CA ARG A 379 15.88 7.73 20.54
C ARG A 379 17.27 7.50 19.96
N PHE A 380 17.66 6.23 19.84
CA PHE A 380 18.94 5.87 19.21
C PHE A 380 19.00 6.41 17.79
N ALA A 381 17.89 6.29 17.08
CA ALA A 381 17.82 6.65 15.66
C ALA A 381 18.05 8.14 15.42
N GLU A 382 17.93 8.96 16.46
CA GLU A 382 18.15 10.39 16.31
C GLU A 382 19.50 10.82 16.83
N LEU A 383 20.31 9.88 17.30
CA LEU A 383 21.67 10.20 17.70
C LEU A 383 22.56 10.33 16.48
N ASP A 384 23.69 11.03 16.64
CA ASP A 384 24.61 11.20 15.53
C ASP A 384 25.88 10.39 15.71
N GLY A 385 26.23 9.60 14.71
CA GLY A 385 27.45 8.82 14.72
C GLY A 385 27.58 7.84 15.87
N ALA A 386 26.49 7.15 16.20
CA ALA A 386 26.50 6.22 17.32
C ALA A 386 26.78 4.78 16.87
N TRP A 387 26.68 4.52 15.57
CA TRP A 387 27.01 3.20 15.03
C TRP A 387 28.49 2.89 15.18
N LYS A 388 28.81 1.66 15.59
CA LYS A 388 30.20 1.23 15.64
C LYS A 388 30.75 1.09 14.23
N GLU A 389 29.98 0.44 13.36
CA GLU A 389 30.30 0.38 11.96
C GLU A 389 29.22 1.11 11.19
N PRO A 390 29.57 2.29 10.65
CA PRO A 390 28.61 3.08 9.87
C PRO A 390 28.24 2.36 8.57
N PHE A 391 27.21 2.82 7.88
CA PHE A 391 26.87 2.23 6.60
C PHE A 391 28.06 2.26 5.66
N ASP A 392 28.33 1.13 5.03
CA ASP A 392 29.43 1.01 4.10
C ASP A 392 28.89 0.48 2.77
N ALA A 393 29.03 1.27 1.71
CA ALA A 393 28.47 0.93 0.40
C ALA A 393 29.04 -0.38 -0.15
N GLN A 394 30.24 -0.75 0.26
CA GLN A 394 30.81 -2.04 -0.14
C GLN A 394 30.39 -3.18 0.80
N ARG A 395 29.81 -2.84 1.93
CA ARG A 395 29.24 -3.83 2.83
C ARG A 395 27.79 -3.49 3.19
N PRO A 396 26.93 -3.32 2.17
CA PRO A 396 25.59 -2.78 2.44
C PRO A 396 24.66 -3.77 3.12
N LEU A 397 25.05 -5.04 3.18
CA LEU A 397 24.21 -6.06 3.80
C LEU A 397 24.52 -6.22 5.28
N ASP A 398 25.67 -5.72 5.72
CA ASP A 398 26.16 -5.93 7.07
C ASP A 398 26.41 -4.65 7.84
N THR A 399 25.98 -3.52 7.27
CA THR A 399 26.15 -2.23 7.91
C THR A 399 24.89 -1.40 7.75
N PRO A 400 24.57 -0.57 8.76
CA PRO A 400 25.32 -0.32 9.98
C PRO A 400 25.17 -1.42 11.04
N GLN A 401 26.08 -1.44 12.01
CA GLN A 401 26.12 -2.50 13.02
C GLN A 401 26.80 -2.01 14.29
N GLY A 402 26.24 -2.35 15.45
CA GLY A 402 26.90 -2.14 16.72
C GLY A 402 26.82 -0.72 17.21
N ILE A 403 27.18 -0.52 18.48
CA ILE A 403 27.22 0.81 19.09
C ILE A 403 28.65 1.21 19.37
N ALA A 404 29.00 2.46 19.06
CA ALA A 404 30.36 2.93 19.23
C ALA A 404 30.67 3.27 20.69
N LEU A 405 30.59 2.25 21.56
CA LEU A 405 30.75 2.46 22.99
C LEU A 405 32.18 2.83 23.40
N ASP A 406 33.12 2.77 22.46
CA ASP A 406 34.51 3.13 22.76
C ASP A 406 34.74 4.62 22.54
N ARG A 407 33.70 5.31 22.12
CA ARG A 407 33.69 6.76 22.03
C ARG A 407 32.86 7.31 23.18
N PRO A 408 33.52 7.85 24.23
CA PRO A 408 32.91 8.34 25.47
C PRO A 408 31.63 9.14 25.25
N GLN A 409 31.61 9.98 24.23
CA GLN A 409 30.47 10.81 23.91
C GLN A 409 29.27 9.97 23.49
N VAL A 410 29.55 8.93 22.71
CA VAL A 410 28.50 8.02 22.26
C VAL A 410 27.97 7.22 23.43
N ALA A 411 28.89 6.69 24.24
CA ALA A 411 28.54 5.91 25.42
C ALA A 411 27.61 6.70 26.34
N THR A 412 27.95 7.97 26.60
CA THR A 412 27.12 8.81 27.46
C THR A 412 25.73 9.03 26.87
N GLN A 413 25.68 9.36 25.59
CA GLN A 413 24.40 9.63 24.93
C GLN A 413 23.51 8.39 24.82
N VAL A 414 24.11 7.22 24.62
CA VAL A 414 23.32 6.00 24.49
C VAL A 414 22.73 5.61 25.84
N ARG A 415 23.53 5.74 26.90
CA ARG A 415 23.05 5.47 28.25
C ARG A 415 21.89 6.39 28.61
N GLN A 416 22.01 7.66 28.22
CA GLN A 416 20.95 8.63 28.45
C GLN A 416 19.67 8.21 27.73
N ALA A 417 19.83 7.78 26.47
CA ALA A 417 18.71 7.33 25.67
C ALA A 417 18.00 6.16 26.32
N LEU A 418 18.78 5.24 26.90
CA LEU A 418 18.20 4.08 27.58
C LEU A 418 17.50 4.54 28.86
N ALA A 419 18.17 5.41 29.61
CA ALA A 419 17.60 6.02 30.81
C ALA A 419 16.26 6.69 30.50
N ASP A 420 16.25 7.52 29.46
CA ASP A 420 15.03 8.21 29.03
C ASP A 420 13.94 7.24 28.63
N ALA A 421 14.30 6.22 27.86
CA ALA A 421 13.32 5.25 27.38
C ALA A 421 12.74 4.47 28.55
N ALA A 422 13.60 4.10 29.49
CA ALA A 422 13.17 3.35 30.65
C ALA A 422 12.12 4.10 31.46
N ALA A 423 12.37 5.38 31.70
CA ALA A 423 11.46 6.20 32.47
C ALA A 423 10.12 6.33 31.77
N GLU A 424 10.18 6.55 30.46
CA GLU A 424 8.97 6.69 29.65
C GLU A 424 8.09 5.45 29.76
N VAL A 425 8.71 4.28 29.56
CA VAL A 425 8.00 3.01 29.67
C VAL A 425 7.40 2.83 31.07
N GLU A 426 8.19 3.14 32.08
CA GLU A 426 7.74 2.97 33.46
C GLU A 426 6.75 4.08 33.87
N LYS A 427 6.72 5.18 33.11
CA LYS A 427 5.74 6.24 33.36
C LYS A 427 4.37 5.82 32.80
N SER A 428 4.39 4.99 31.76
CA SER A 428 3.15 4.45 31.20
C SER A 428 2.42 3.61 32.24
N GLY A 429 1.14 3.35 32.01
CA GLY A 429 0.32 2.63 32.98
C GLY A 429 0.37 1.13 32.82
N ILE A 430 1.30 0.65 31.98
CA ILE A 430 1.39 -0.77 31.67
C ILE A 430 1.85 -1.62 32.85
N PRO A 431 0.99 -2.55 33.29
CA PRO A 431 1.25 -3.43 34.43
C PRO A 431 2.48 -4.29 34.23
N ASP A 432 3.24 -4.51 35.31
CA ASP A 432 4.38 -5.41 35.26
C ASP A 432 3.91 -6.81 34.88
N GLY A 433 4.69 -7.48 34.03
CA GLY A 433 4.33 -8.82 33.59
C GLY A 433 3.61 -8.86 32.25
N ALA A 434 3.18 -7.70 31.78
CA ALA A 434 2.48 -7.63 30.49
C ALA A 434 3.36 -8.09 29.35
N ARG A 435 2.79 -8.86 28.43
CA ARG A 435 3.50 -9.28 27.24
C ARG A 435 2.94 -8.55 26.03
N TRP A 436 3.66 -8.64 24.91
CA TRP A 436 3.32 -7.86 23.72
C TRP A 436 1.86 -8.10 23.29
N GLY A 437 1.42 -9.35 23.36
CA GLY A 437 0.07 -9.70 22.96
C GLY A 437 -1.00 -9.10 23.86
N ASP A 438 -0.62 -8.76 25.07
CA ASP A 438 -1.53 -8.07 26.01
C ASP A 438 -1.78 -6.64 25.55
N LEU A 439 -0.84 -6.10 24.77
CA LEU A 439 -0.84 -4.68 24.46
C LEU A 439 -1.39 -4.40 23.07
N GLN A 440 -0.93 -5.17 22.08
CA GLN A 440 -1.29 -4.95 20.70
C GLN A 440 -2.43 -5.87 20.28
N VAL A 441 -3.54 -5.25 19.88
CA VAL A 441 -4.77 -6.00 19.63
C VAL A 441 -5.54 -5.46 18.44
N SER A 442 -6.49 -6.25 17.94
CA SER A 442 -7.46 -5.75 16.99
C SER A 442 -8.84 -6.00 17.55
N THR A 443 -9.66 -4.95 17.62
CA THR A 443 -10.96 -5.05 18.26
C THR A 443 -11.97 -5.66 17.31
N ARG A 444 -12.73 -6.63 17.83
CA ARG A 444 -13.81 -7.27 17.10
CA ARG A 444 -13.82 -7.27 17.11
C ARG A 444 -15.00 -7.36 18.05
N GLY A 445 -16.00 -6.53 17.82
CA GLY A 445 -17.13 -6.46 18.71
C GLY A 445 -16.64 -6.13 20.11
N GLN A 446 -16.93 -7.01 21.07
CA GLN A 446 -16.61 -6.78 22.48
C GLN A 446 -15.24 -7.31 22.87
N GLU A 447 -14.58 -8.00 21.93
CA GLU A 447 -13.29 -8.61 22.22
C GLU A 447 -12.11 -7.86 21.60
N ARG A 448 -10.94 -8.07 22.20
CA ARG A 448 -9.68 -7.59 21.64
C ARG A 448 -8.82 -8.79 21.33
N ILE A 449 -8.60 -9.05 20.04
CA ILE A 449 -7.78 -10.18 19.62
C ILE A 449 -6.32 -9.78 19.58
N ALA A 450 -5.48 -10.51 20.32
CA ALA A 450 -4.05 -10.24 20.35
C ALA A 450 -3.41 -10.48 18.98
N ILE A 451 -2.62 -9.51 18.53
CA ILE A 451 -2.03 -9.56 17.19
C ILE A 451 -0.50 -9.54 17.27
N PRO A 452 0.16 -10.59 16.75
CA PRO A 452 1.63 -10.67 16.70
C PRO A 452 2.19 -9.83 15.56
N GLY A 453 3.46 -9.45 15.67
CA GLY A 453 4.08 -8.61 14.67
C GLY A 453 4.38 -7.27 15.27
N GLY A 454 5.20 -6.48 14.58
CA GLY A 454 5.59 -5.19 15.10
C GLY A 454 6.03 -4.29 13.97
N ASP A 455 6.44 -3.07 14.29
CA ASP A 455 6.65 -2.10 13.24
C ASP A 455 7.80 -2.47 12.30
N GLY A 456 7.55 -2.36 11.00
CA GLY A 456 8.54 -2.67 9.98
C GLY A 456 9.86 -1.94 10.14
N HIS A 457 9.83 -0.74 10.70
CA HIS A 457 11.06 0.04 10.86
C HIS A 457 12.04 -0.58 11.87
N PHE A 458 11.56 -1.52 12.68
CA PHE A 458 12.43 -2.24 13.60
C PHE A 458 12.89 -3.56 13.00
N GLY A 459 12.61 -3.75 11.72
CA GLY A 459 13.04 -4.95 11.02
C GLY A 459 12.21 -6.18 11.29
N VAL A 460 10.94 -5.99 11.65
CA VAL A 460 10.04 -7.13 11.80
C VAL A 460 9.42 -7.40 10.44
N TYR A 461 9.67 -8.58 9.88
CA TYR A 461 9.17 -8.89 8.55
C TYR A 461 7.63 -8.85 8.55
N ASN A 462 7.06 -9.46 9.59
CA ASN A 462 5.62 -9.37 9.83
C ASN A 462 5.27 -8.00 10.38
N ALA A 463 5.26 -7.00 9.50
CA ALA A 463 5.10 -5.62 9.92
C ALA A 463 3.66 -5.31 10.30
N ILE A 464 3.49 -4.77 11.51
CA ILE A 464 2.20 -4.41 12.05
C ILE A 464 2.31 -3.01 12.60
N GLN A 465 1.38 -2.13 12.21
CA GLN A 465 1.40 -0.75 12.68
C GLN A 465 0.18 -0.52 13.57
N SER A 466 0.41 0.05 14.75
CA SER A 466 -0.66 0.24 15.73
C SER A 466 -0.69 1.66 16.26
N VAL A 467 -1.84 2.06 16.81
CA VAL A 467 -1.95 3.35 17.48
C VAL A 467 -2.56 3.17 18.86
N ARG A 468 -2.24 4.08 19.77
CA ARG A 468 -2.80 3.99 21.11
C ARG A 468 -4.30 4.29 21.07
N LYS A 469 -5.08 3.42 21.69
CA LYS A 469 -6.49 3.68 21.95
C LYS A 469 -6.77 3.26 23.40
N GLY A 470 -6.91 4.25 24.27
CA GLY A 470 -7.08 4.00 25.68
C GLY A 470 -5.93 3.19 26.29
N ASP A 471 -6.23 1.97 26.67
CA ASP A 471 -5.29 1.14 27.41
C ASP A 471 -4.51 0.18 26.53
N HIS A 472 -4.69 0.29 25.21
CA HIS A 472 -4.10 -0.69 24.33
C HIS A 472 -3.59 -0.07 23.03
N LEU A 473 -2.85 -0.87 22.27
CA LEU A 473 -2.43 -0.52 20.92
C LEU A 473 -3.38 -1.16 19.91
N GLU A 474 -4.11 -0.36 19.15
CA GLU A 474 -5.06 -0.88 18.17
C GLU A 474 -4.41 -0.96 16.80
N VAL A 475 -4.43 -2.15 16.18
CA VAL A 475 -3.81 -2.33 14.87
C VAL A 475 -4.54 -1.51 13.81
N VAL A 476 -3.80 -0.75 13.01
CA VAL A 476 -4.40 0.02 11.91
C VAL A 476 -3.95 -0.45 10.53
N GLY A 477 -2.82 -1.15 10.47
CA GLY A 477 -2.34 -1.62 9.19
C GLY A 477 -1.16 -2.56 9.33
N GLY A 478 -0.79 -3.20 8.24
CA GLY A 478 0.33 -4.12 8.24
C GLY A 478 0.01 -5.34 7.42
N THR A 479 0.65 -6.44 7.75
CA THR A 479 0.36 -7.74 7.18
C THR A 479 -1.16 -7.91 7.02
N SER A 480 -1.57 -8.29 5.82
CA SER A 480 -2.96 -8.13 5.38
C SER A 480 -3.36 -9.40 4.62
N TYR A 481 -3.21 -9.37 3.30
CA TYR A 481 -3.39 -10.61 2.54
C TYR A 481 -2.05 -11.33 2.47
N ILE A 482 -2.00 -12.54 3.01
CA ILE A 482 -0.81 -13.38 2.93
C ILE A 482 -1.04 -14.50 1.94
N GLN A 483 -0.12 -14.66 1.01
CA GLN A 483 -0.22 -15.73 0.03
C GLN A 483 1.15 -16.33 -0.20
N LEU A 484 1.24 -17.65 -0.05
CA LEU A 484 2.46 -18.41 -0.30
C LEU A 484 2.14 -19.51 -1.30
N VAL A 485 2.77 -19.45 -2.47
CA VAL A 485 2.36 -20.35 -3.55
C VAL A 485 3.50 -21.24 -4.01
N THR A 486 3.20 -22.53 -4.20
CA THR A 486 4.12 -23.46 -4.83
C THR A 486 3.36 -24.18 -5.94
N PHE A 487 4.06 -24.95 -6.75
CA PHE A 487 3.46 -25.55 -7.94
C PHE A 487 3.70 -27.05 -8.03
N PRO A 488 3.10 -27.84 -7.11
CA PRO A 488 3.21 -29.29 -7.24
C PRO A 488 2.44 -29.80 -8.45
N GLU A 489 2.63 -31.08 -8.78
CA GLU A 489 2.10 -31.64 -10.02
C GLU A 489 0.58 -31.46 -10.19
N GLU A 490 -0.17 -31.60 -9.11
CA GLU A 490 -1.63 -31.57 -9.20
C GLU A 490 -2.21 -30.20 -9.55
N GLY A 491 -1.47 -29.13 -9.25
CA GLY A 491 -2.00 -27.78 -9.44
C GLY A 491 -1.36 -26.88 -8.40
N PRO A 492 -1.60 -25.56 -8.51
CA PRO A 492 -0.93 -24.67 -7.56
C PRO A 492 -1.38 -24.94 -6.12
N LYS A 493 -0.42 -24.97 -5.20
CA LYS A 493 -0.74 -25.04 -3.79
C LYS A 493 -0.52 -23.67 -3.16
N ALA A 494 -1.60 -23.07 -2.68
CA ALA A 494 -1.53 -21.73 -2.12
C ALA A 494 -1.97 -21.74 -0.66
N ARG A 495 -1.21 -21.06 0.18
CA ARG A 495 -1.41 -21.10 1.62
C ARG A 495 -1.35 -19.68 2.17
N GLY A 496 -2.17 -19.36 3.16
CA GLY A 496 -2.16 -18.01 3.71
C GLY A 496 -3.40 -17.62 4.51
N LEU A 497 -3.69 -16.33 4.50
CA LEU A 497 -4.72 -15.72 5.33
C LEU A 497 -5.02 -14.31 4.87
N LEU A 498 -6.22 -13.85 5.19
CA LEU A 498 -6.53 -12.43 5.15
C LEU A 498 -6.66 -12.02 6.62
N ALA A 499 -5.65 -11.33 7.13
CA ALA A 499 -5.50 -11.17 8.58
C ALA A 499 -6.72 -10.55 9.27
N PHE A 500 -7.38 -9.62 8.61
CA PHE A 500 -8.47 -8.88 9.25
C PHE A 500 -9.84 -9.48 8.90
N SER A 501 -9.83 -10.60 8.18
CA SER A 501 -11.03 -11.35 7.73
C SER A 501 -11.77 -10.68 6.56
N GLN A 502 -12.64 -11.45 5.89
CA GLN A 502 -13.27 -11.00 4.64
C GLN A 502 -14.16 -9.76 4.81
N SER A 503 -14.92 -9.72 5.89
CA SER A 503 -15.96 -8.72 6.03
C SER A 503 -15.65 -7.67 7.09
N SER A 504 -15.81 -6.42 6.73
CA SER A 504 -15.69 -5.31 7.67
C SER A 504 -16.94 -5.12 8.54
N ASP A 505 -17.97 -5.93 8.30
CA ASP A 505 -19.23 -5.74 9.00
C ASP A 505 -19.33 -6.67 10.22
N PRO A 506 -19.55 -6.11 11.41
CA PRO A 506 -19.61 -6.94 12.63
C PRO A 506 -20.70 -8.02 12.58
N ARG A 507 -21.70 -7.83 11.73
CA ARG A 507 -22.76 -8.83 11.63
C ARG A 507 -22.36 -10.09 10.88
N SER A 508 -21.25 -10.00 10.13
CA SER A 508 -20.90 -11.08 9.23
C SER A 508 -20.31 -12.29 9.96
N PRO A 509 -20.62 -13.50 9.49
CA PRO A 509 -19.93 -14.69 10.00
C PRO A 509 -18.42 -14.66 9.69
N HIS A 510 -18.00 -13.72 8.84
CA HIS A 510 -16.62 -13.65 8.41
C HIS A 510 -15.99 -12.32 8.78
N TYR A 511 -16.34 -11.86 9.97
CA TYR A 511 -15.86 -10.60 10.55
C TYR A 511 -14.58 -10.79 11.35
N ARG A 512 -14.47 -11.93 12.03
CA ARG A 512 -13.31 -12.15 12.90
C ARG A 512 -12.65 -13.52 12.76
N ASP A 513 -13.14 -14.38 11.85
CA ASP A 513 -12.66 -15.77 11.84
C ASP A 513 -11.20 -15.89 11.42
N GLN A 514 -10.76 -15.17 10.39
CA GLN A 514 -9.36 -15.27 9.99
C GLN A 514 -8.45 -14.47 10.94
N THR A 515 -9.05 -13.53 11.65
CA THR A 515 -8.28 -12.72 12.59
C THR A 515 -7.87 -13.55 13.81
N GLU A 516 -8.74 -14.47 14.23
CA GLU A 516 -8.39 -15.40 15.29
C GLU A 516 -7.28 -16.34 14.81
N LEU A 517 -7.38 -16.80 13.57
CA LEU A 517 -6.32 -17.63 12.99
C LEU A 517 -5.02 -16.85 12.88
N PHE A 518 -5.10 -15.57 12.54
CA PHE A 518 -3.88 -14.77 12.39
C PHE A 518 -3.21 -14.62 13.75
N SER A 519 -4.03 -14.44 14.78
CA SER A 519 -3.52 -14.34 16.14
C SER A 519 -2.69 -15.57 16.50
N ARG A 520 -3.15 -16.75 16.08
CA ARG A 520 -2.47 -18.00 16.36
C ARG A 520 -1.45 -18.35 15.28
N GLN A 521 -1.33 -17.48 14.28
CA GLN A 521 -0.42 -17.69 13.16
C GLN A 521 -0.65 -19.05 12.50
N GLN A 522 -1.91 -19.36 12.25
CA GLN A 522 -2.28 -20.61 11.61
C GLN A 522 -2.81 -20.36 10.19
N TRP A 523 -1.91 -20.42 9.20
CA TRP A 523 -2.28 -20.18 7.81
C TRP A 523 -3.11 -21.34 7.26
N GLN A 524 -3.87 -21.07 6.20
CA GLN A 524 -4.80 -22.06 5.67
C GLN A 524 -4.66 -22.23 4.15
N THR A 525 -5.15 -23.35 3.63
CA THR A 525 -5.20 -23.57 2.19
C THR A 525 -6.07 -22.55 1.49
N LEU A 526 -5.65 -22.14 0.30
CA LEU A 526 -6.51 -21.31 -0.54
C LEU A 526 -6.97 -22.22 -1.69
N PRO A 527 -8.20 -22.75 -1.58
CA PRO A 527 -8.71 -23.74 -2.55
C PRO A 527 -8.88 -23.13 -3.93
N PHE A 528 -8.33 -23.76 -4.96
CA PHE A 528 -8.32 -23.16 -6.29
C PHE A 528 -8.96 -24.07 -7.35
N SER A 529 -8.61 -25.35 -7.34
CA SER A 529 -9.18 -26.27 -8.33
C SER A 529 -10.60 -26.62 -7.94
N ASP A 530 -11.39 -27.07 -8.92
CA ASP A 530 -12.78 -27.45 -8.65
C ASP A 530 -12.83 -28.55 -7.59
N ARG A 531 -11.82 -29.40 -7.57
CA ARG A 531 -11.75 -30.50 -6.62
C ARG A 531 -11.46 -29.99 -5.20
N GLN A 532 -10.55 -29.03 -5.07
CA GLN A 532 -10.29 -28.39 -3.78
C GLN A 532 -11.57 -27.70 -3.27
N ILE A 533 -12.25 -27.00 -4.17
CA ILE A 533 -13.42 -26.22 -3.79
C ILE A 533 -14.52 -27.15 -3.32
N ASP A 534 -14.68 -28.27 -4.01
CA ASP A 534 -15.72 -29.22 -3.62
C ASP A 534 -15.39 -30.03 -2.37
N ALA A 535 -14.11 -30.09 -2.00
CA ALA A 535 -13.72 -30.81 -0.80
C ALA A 535 -14.09 -30.03 0.47
N ASP A 536 -14.48 -28.77 0.32
CA ASP A 536 -14.81 -27.90 1.46
C ASP A 536 -16.17 -28.23 2.06
N PRO A 537 -16.19 -28.71 3.32
CA PRO A 537 -17.43 -29.14 4.00
C PRO A 537 -18.43 -28.02 4.21
N GLN A 538 -17.99 -26.76 4.12
CA GLN A 538 -18.90 -25.64 4.34
C GLN A 538 -19.28 -24.94 3.03
N LEU A 539 -18.97 -25.57 1.91
CA LEU A 539 -19.26 -25.02 0.59
C LEU A 539 -20.71 -24.51 0.48
N GLN A 540 -20.86 -23.28 0.01
CA GLN A 540 -22.16 -22.68 -0.26
C GLN A 540 -22.22 -22.26 -1.72
N ARG A 541 -23.39 -22.31 -2.34
CA ARG A 541 -23.48 -21.92 -3.75
C ARG A 541 -24.73 -21.07 -4.01
N LEU A 542 -24.58 -20.06 -4.85
CA LEU A 542 -25.69 -19.25 -5.31
C LEU A 542 -25.49 -18.88 -6.77
N SER A 543 -26.52 -19.08 -7.60
CA SER A 543 -26.47 -18.57 -8.97
C SER A 543 -27.44 -17.41 -9.06
N ILE A 544 -27.01 -16.31 -9.67
CA ILE A 544 -27.86 -15.11 -9.80
C ILE A 544 -27.91 -14.60 -11.25
N ARG A 545 -29.04 -13.99 -11.63
CA ARG A 545 -29.12 -13.32 -12.92
C ARG A 545 -30.13 -12.19 -12.91
N GLU A 546 -30.00 -11.27 -13.85
CA GLU A 546 -31.00 -10.24 -14.10
C GLU A 546 -30.86 -9.69 -15.52
N ALA A 547 -31.95 -9.18 -16.09
CA ALA A 547 -31.87 -8.59 -17.43
C ALA A 547 -30.94 -7.38 -17.43
N ALA A 548 -30.25 -7.17 -18.53
CA ALA A 548 -29.30 -6.05 -18.63
C ALA A 548 -30.01 -4.72 -18.84
N PRO B 1 -31.40 -10.92 -24.21
CA PRO B 1 -31.49 -12.36 -23.94
C PRO B 1 -30.44 -12.91 -22.96
N THR B 2 -29.17 -12.55 -23.12
CA THR B 2 -28.15 -13.07 -22.20
C THR B 2 -28.13 -12.32 -20.88
N GLY B 3 -27.91 -11.01 -20.93
CA GLY B 3 -27.91 -10.18 -19.72
C GLY B 3 -26.78 -10.51 -18.77
N LEU B 4 -27.04 -10.36 -17.47
CA LEU B 4 -26.05 -10.59 -16.45
C LEU B 4 -26.36 -11.85 -15.65
N ALA B 5 -25.37 -12.72 -15.53
CA ALA B 5 -25.54 -13.93 -14.75
C ALA B 5 -24.21 -14.37 -14.20
N ALA B 6 -24.23 -14.92 -12.99
CA ALA B 6 -23.01 -15.41 -12.37
C ALA B 6 -23.33 -16.60 -11.50
N ASP B 7 -22.35 -17.48 -11.36
CA ASP B 7 -22.42 -18.58 -10.41
C ASP B 7 -21.39 -18.35 -9.31
N ILE B 8 -21.83 -18.39 -8.07
CA ILE B 8 -20.91 -18.08 -6.97
C ILE B 8 -20.85 -19.25 -6.00
N ARG B 9 -19.64 -19.68 -5.69
CA ARG B 9 -19.43 -20.63 -4.60
C ARG B 9 -18.61 -19.95 -3.52
N TRP B 10 -18.95 -20.19 -2.26
CA TRP B 10 -18.16 -19.68 -1.15
C TRP B 10 -17.52 -20.83 -0.40
N THR B 11 -16.22 -20.74 -0.17
CA THR B 11 -15.53 -21.75 0.66
C THR B 11 -15.28 -21.18 2.06
N ALA B 12 -14.55 -21.93 2.89
CA ALA B 12 -14.28 -21.52 4.27
C ALA B 12 -13.82 -20.06 4.35
N TYR B 13 -14.24 -19.37 5.40
CA TYR B 13 -13.90 -17.97 5.70
C TYR B 13 -14.59 -16.99 4.75
N GLY B 14 -15.52 -17.49 3.93
CA GLY B 14 -16.37 -16.63 3.11
C GLY B 14 -15.69 -16.14 1.84
N VAL B 15 -14.81 -16.96 1.28
CA VAL B 15 -14.09 -16.60 0.06
C VAL B 15 -14.95 -16.96 -1.14
N PRO B 16 -15.32 -15.97 -1.98
CA PRO B 16 -16.15 -16.28 -3.14
C PRO B 16 -15.36 -16.76 -4.36
N HIS B 17 -15.93 -17.74 -5.05
CA HIS B 17 -15.40 -18.22 -6.33
C HIS B 17 -16.48 -17.94 -7.39
N ILE B 18 -16.21 -16.95 -8.23
CA ILE B 18 -17.21 -16.47 -9.17
C ILE B 18 -16.93 -17.01 -10.55
N ARG B 19 -17.94 -17.62 -11.15
CA ARG B 19 -17.88 -18.17 -12.50
C ARG B 19 -18.87 -17.45 -13.39
N ALA B 20 -18.45 -17.08 -14.60
CA ALA B 20 -19.39 -16.47 -15.55
C ALA B 20 -18.90 -16.69 -16.99
N LYS B 21 -19.76 -16.41 -17.98
CA LYS B 21 -19.37 -16.64 -19.37
C LYS B 21 -18.77 -15.41 -20.04
N ASP B 22 -18.82 -14.27 -19.35
CA ASP B 22 -18.28 -13.04 -19.90
C ASP B 22 -17.94 -12.06 -18.78
N GLU B 23 -17.32 -10.93 -19.14
CA GLU B 23 -16.87 -9.96 -18.14
C GLU B 23 -18.03 -9.32 -17.37
N ARG B 24 -19.13 -9.10 -18.08
CA ARG B 24 -20.33 -8.52 -17.48
CA ARG B 24 -20.33 -8.51 -17.47
C ARG B 24 -20.88 -9.40 -16.35
N GLY B 25 -21.01 -10.69 -16.62
CA GLY B 25 -21.48 -11.62 -15.60
C GLY B 25 -20.45 -11.78 -14.49
N LEU B 26 -19.17 -11.76 -14.85
CA LEU B 26 -18.11 -11.86 -13.85
C LEU B 26 -18.21 -10.68 -12.87
N GLY B 27 -18.32 -9.48 -13.42
CA GLY B 27 -18.50 -8.29 -12.60
C GLY B 27 -19.72 -8.38 -11.71
N TYR B 28 -20.80 -8.91 -12.25
CA TYR B 28 -22.04 -9.09 -11.52
C TYR B 28 -21.82 -9.93 -10.25
N GLY B 29 -21.11 -11.05 -10.41
CA GLY B 29 -20.84 -11.90 -9.26
C GLY B 29 -19.91 -11.21 -8.26
N ILE B 30 -18.89 -10.52 -8.75
CA ILE B 30 -17.96 -9.83 -7.86
C ILE B 30 -18.69 -8.76 -7.03
N GLY B 31 -19.50 -7.93 -7.70
CA GLY B 31 -20.20 -6.86 -7.02
C GLY B 31 -21.18 -7.39 -5.98
N TYR B 32 -21.88 -8.46 -6.33
CA TYR B 32 -22.81 -9.07 -5.40
C TYR B 32 -22.09 -9.65 -4.17
N ALA B 33 -21.07 -10.47 -4.41
CA ALA B 33 -20.30 -11.07 -3.33
C ALA B 33 -19.64 -10.01 -2.44
N TYR B 34 -19.07 -8.98 -3.06
CA TYR B 34 -18.40 -7.94 -2.26
C TYR B 34 -19.40 -7.18 -1.40
N ALA B 35 -20.56 -6.89 -1.98
CA ALA B 35 -21.60 -6.19 -1.23
C ALA B 35 -22.04 -6.99 0.01
N ARG B 36 -22.16 -8.31 -0.13
CA ARG B 36 -22.58 -9.16 0.99
CA ARG B 36 -22.58 -9.15 0.99
C ARG B 36 -21.65 -8.97 2.18
N ASP B 37 -20.36 -8.85 1.91
CA ASP B 37 -19.35 -8.71 2.94
C ASP B 37 -19.04 -7.26 3.36
N ASN B 38 -19.21 -6.32 2.42
CA ASN B 38 -18.61 -4.99 2.64
C ASN B 38 -19.39 -3.84 2.04
N ALA B 39 -20.72 -3.98 1.95
CA ALA B 39 -21.54 -2.91 1.38
C ALA B 39 -21.34 -1.57 2.07
N CYS B 40 -21.32 -1.57 3.41
CA CYS B 40 -21.18 -0.30 4.12
C CYS B 40 -19.82 0.36 3.87
N LEU B 41 -18.76 -0.44 3.88
CA LEU B 41 -17.42 0.08 3.55
CA LEU B 41 -17.43 0.09 3.55
C LEU B 41 -17.42 0.74 2.18
N LEU B 42 -17.93 0.04 1.18
CA LEU B 42 -17.87 0.61 -0.18
C LEU B 42 -18.71 1.86 -0.27
N ALA B 43 -19.86 1.87 0.41
CA ALA B 43 -20.75 3.02 0.36
C ALA B 43 -20.06 4.24 0.97
N GLU B 44 -19.35 4.03 2.08
CA GLU B 44 -18.62 5.12 2.75
CA GLU B 44 -18.63 5.12 2.74
C GLU B 44 -17.51 5.65 1.85
N GLU B 45 -16.76 4.74 1.24
CA GLU B 45 -15.61 5.18 0.44
C GLU B 45 -16.06 5.83 -0.86
N ILE B 46 -17.25 5.46 -1.33
CA ILE B 46 -17.82 6.12 -2.51
C ILE B 46 -18.25 7.54 -2.15
N VAL B 47 -18.85 7.72 -0.97
CA VAL B 47 -19.17 9.08 -0.48
C VAL B 47 -17.92 9.95 -0.46
N THR B 48 -16.83 9.39 0.07
CA THR B 48 -15.54 10.10 0.09
C THR B 48 -15.08 10.46 -1.31
N ALA B 49 -15.11 9.50 -2.23
CA ALA B 49 -14.60 9.71 -3.58
C ALA B 49 -15.50 10.60 -4.43
N ARG B 50 -16.77 10.72 -4.04
CA ARG B 50 -17.69 11.70 -4.62
C ARG B 50 -17.56 13.10 -4.02
N GLY B 51 -16.77 13.23 -2.96
CA GLY B 51 -16.65 14.49 -2.25
C GLY B 51 -17.92 14.92 -1.56
N GLU B 52 -18.61 13.97 -0.93
CA GLU B 52 -19.89 14.27 -0.28
C GLU B 52 -19.85 13.97 1.23
N ARG B 53 -18.65 13.86 1.82
CA ARG B 53 -18.58 13.57 3.26
C ARG B 53 -19.25 14.64 4.10
N ALA B 54 -18.95 15.92 3.83
CA ALA B 54 -19.51 16.98 4.66
C ALA B 54 -21.04 17.05 4.52
N ARG B 55 -21.53 16.65 3.36
CA ARG B 55 -22.98 16.65 3.09
C ARG B 55 -23.71 15.64 3.97
N TYR B 56 -23.11 14.47 4.18
CA TYR B 56 -23.77 13.45 4.99
C TYR B 56 -23.35 13.52 6.45
N PHE B 57 -22.10 13.95 6.71
CA PHE B 57 -21.53 13.81 8.04
C PHE B 57 -21.07 15.11 8.70
N GLY B 58 -21.18 16.23 7.98
CA GLY B 58 -20.82 17.51 8.56
C GLY B 58 -19.32 17.74 8.47
N SER B 59 -18.89 18.91 8.92
CA SER B 59 -17.48 19.31 8.79
C SER B 59 -16.59 18.80 9.93
N GLU B 60 -17.17 18.28 11.02
CA GLU B 60 -16.34 17.90 12.15
C GLU B 60 -15.80 16.46 12.06
N GLY B 61 -16.20 15.73 11.01
CA GLY B 61 -15.74 14.35 10.86
C GLY B 61 -14.54 14.22 9.92
N LYS B 62 -14.01 13.01 9.80
CA LYS B 62 -12.89 12.71 8.90
C LYS B 62 -13.20 11.53 8.00
N SER B 63 -12.46 11.41 6.90
CA SER B 63 -12.53 10.21 6.07
C SER B 63 -11.75 9.08 6.74
N SER B 64 -11.79 7.89 6.14
CA SER B 64 -11.03 6.75 6.66
C SER B 64 -9.53 6.90 6.36
N ALA B 65 -9.18 7.91 5.56
CA ALA B 65 -7.78 8.27 5.35
C ALA B 65 -7.33 9.35 6.35
N GLU B 66 -8.22 9.68 7.28
CA GLU B 66 -7.98 10.68 8.33
C GLU B 66 -7.79 12.11 7.80
N LEU B 67 -8.38 12.42 6.64
CA LEU B 67 -8.50 13.81 6.21
C LEU B 67 -9.81 14.38 6.71
N ASP B 68 -9.82 15.65 7.12
CA ASP B 68 -11.07 16.35 7.47
C ASP B 68 -12.05 16.28 6.32
N ASN B 69 -13.34 16.18 6.63
CA ASN B 69 -14.37 16.01 5.61
C ASN B 69 -14.42 17.10 4.52
N LEU B 70 -14.31 18.36 4.91
CA LEU B 70 -14.39 19.43 3.92
C LEU B 70 -13.16 19.47 3.01
N PRO B 71 -11.93 19.46 3.57
CA PRO B 71 -10.78 19.38 2.67
C PRO B 71 -10.78 18.12 1.80
N SER B 72 -11.20 16.98 2.35
CA SER B 72 -11.32 15.76 1.54
C SER B 72 -12.27 16.00 0.37
N ASP B 73 -13.43 16.58 0.66
CA ASP B 73 -14.45 16.81 -0.36
C ASP B 73 -13.94 17.72 -1.47
N ILE B 74 -13.29 18.81 -1.10
CA ILE B 74 -12.74 19.72 -2.10
C ILE B 74 -11.76 18.98 -3.00
N PHE B 75 -10.89 18.19 -2.37
CA PHE B 75 -9.91 17.42 -3.15
C PHE B 75 -10.56 16.43 -4.13
N TYR B 76 -11.53 15.66 -3.66
CA TYR B 76 -12.14 14.66 -4.55
C TYR B 76 -13.11 15.29 -5.54
N ALA B 77 -13.72 16.41 -5.17
CA ALA B 77 -14.53 17.15 -6.14
C ALA B 77 -13.64 17.62 -7.29
N TRP B 78 -12.44 18.09 -6.93
CA TRP B 78 -11.47 18.51 -7.92
C TRP B 78 -10.98 17.31 -8.76
N LEU B 79 -10.57 16.25 -8.08
CA LEU B 79 -10.02 15.07 -8.74
C LEU B 79 -11.01 14.42 -9.69
N ASN B 80 -12.25 14.26 -9.23
CA ASN B 80 -13.24 13.47 -9.96
C ASN B 80 -14.29 14.33 -10.64
N GLN B 81 -13.85 15.44 -11.24
CA GLN B 81 -14.73 16.26 -12.05
C GLN B 81 -15.33 15.44 -13.19
N PRO B 82 -16.52 15.83 -13.68
CA PRO B 82 -17.18 15.07 -14.74
C PRO B 82 -16.30 14.86 -15.97
N GLU B 83 -15.59 15.90 -16.39
CA GLU B 83 -14.79 15.81 -17.60
C GLU B 83 -13.73 14.72 -17.44
N ALA B 84 -13.18 14.60 -16.23
CA ALA B 84 -12.14 13.61 -15.96
C ALA B 84 -12.69 12.19 -15.96
N LEU B 85 -13.87 12.01 -15.37
CA LEU B 85 -14.50 10.68 -15.38
C LEU B 85 -14.87 10.26 -16.80
N GLN B 86 -15.40 11.21 -17.55
CA GLN B 86 -15.82 10.95 -18.92
C GLN B 86 -14.64 10.49 -19.75
N ALA B 87 -13.52 11.20 -19.62
CA ALA B 87 -12.31 10.88 -20.38
C ALA B 87 -11.77 9.51 -19.99
N PHE B 88 -11.82 9.20 -18.69
CA PHE B 88 -11.36 7.91 -18.23
C PHE B 88 -12.25 6.81 -18.82
N TRP B 89 -13.57 6.99 -18.72
CA TRP B 89 -14.51 6.01 -19.28
C TRP B 89 -14.29 5.79 -20.78
N GLN B 90 -14.14 6.90 -21.50
CA GLN B 90 -13.99 6.83 -22.96
C GLN B 90 -12.76 6.02 -23.35
N ALA B 91 -11.75 6.03 -22.48
CA ALA B 91 -10.50 5.33 -22.76
C ALA B 91 -10.54 3.84 -22.40
N GLN B 92 -11.64 3.38 -21.80
CA GLN B 92 -11.72 1.98 -21.38
C GLN B 92 -12.11 1.03 -22.51
N THR B 93 -11.49 -0.14 -22.52
CA THR B 93 -11.86 -1.21 -23.45
C THR B 93 -13.26 -1.75 -23.16
N PRO B 94 -13.89 -2.38 -24.15
CA PRO B 94 -15.18 -3.05 -23.90
C PRO B 94 -15.13 -4.00 -22.69
N ALA B 95 -14.06 -4.77 -22.55
CA ALA B 95 -13.97 -5.73 -21.45
C ALA B 95 -14.03 -5.05 -20.08
N VAL B 96 -13.26 -3.97 -19.92
CA VAL B 96 -13.27 -3.27 -18.65
C VAL B 96 -14.58 -2.53 -18.39
N ARG B 97 -15.15 -1.92 -19.41
CA ARG B 97 -16.48 -1.33 -19.26
C ARG B 97 -17.47 -2.37 -18.77
N GLN B 98 -17.40 -3.56 -19.36
CA GLN B 98 -18.32 -4.63 -18.98
C GLN B 98 -18.08 -5.10 -17.54
N LEU B 99 -16.82 -5.23 -17.14
CA LEU B 99 -16.53 -5.59 -15.74
C LEU B 99 -17.17 -4.59 -14.79
N LEU B 100 -17.01 -3.31 -15.10
CA LEU B 100 -17.53 -2.25 -14.23
C LEU B 100 -19.05 -2.21 -14.23
N GLU B 101 -19.65 -2.32 -15.41
CA GLU B 101 -21.11 -2.40 -15.51
C GLU B 101 -21.67 -3.56 -14.69
N GLY B 102 -21.02 -4.71 -14.79
CA GLY B 102 -21.46 -5.88 -14.04
C GLY B 102 -21.34 -5.66 -12.53
N TYR B 103 -20.19 -5.14 -12.10
CA TYR B 103 -19.95 -4.89 -10.68
C TYR B 103 -21.04 -4.00 -10.08
N ALA B 104 -21.32 -2.88 -10.74
CA ALA B 104 -22.34 -1.97 -10.23
C ALA B 104 -23.69 -2.70 -10.15
N ALA B 105 -24.03 -3.47 -11.18
CA ALA B 105 -25.32 -4.16 -11.19
C ALA B 105 -25.42 -5.17 -10.05
N GLY B 106 -24.32 -5.85 -9.77
CA GLY B 106 -24.33 -6.91 -8.76
C GLY B 106 -24.37 -6.35 -7.36
N PHE B 107 -23.64 -5.27 -7.15
CA PHE B 107 -23.68 -4.53 -5.88
C PHE B 107 -25.12 -4.06 -5.63
N ASN B 108 -25.71 -3.48 -6.65
CA ASN B 108 -27.06 -2.94 -6.52
C ASN B 108 -28.11 -4.04 -6.29
N ARG B 109 -27.90 -5.18 -6.92
CA ARG B 109 -28.80 -6.31 -6.73
C ARG B 109 -28.77 -6.77 -5.27
N PHE B 110 -27.57 -6.86 -4.69
CA PHE B 110 -27.50 -7.17 -3.26
C PHE B 110 -28.24 -6.14 -2.39
N LEU B 111 -27.98 -4.86 -2.65
CA LEU B 111 -28.65 -3.78 -1.92
C LEU B 111 -30.17 -3.86 -1.97
N ARG B 112 -30.74 -4.13 -3.16
CA ARG B 112 -32.20 -4.26 -3.29
C ARG B 112 -32.78 -5.31 -2.36
N GLU B 113 -32.03 -6.38 -2.14
CA GLU B 113 -32.55 -7.54 -1.45
C GLU B 113 -32.10 -7.64 0.00
N ALA B 114 -31.17 -6.79 0.41
CA ALA B 114 -30.56 -6.91 1.73
C ALA B 114 -31.60 -6.70 2.83
N ASP B 115 -31.55 -7.52 3.87
CA ASP B 115 -32.48 -7.35 5.00
C ASP B 115 -31.71 -7.15 6.31
N GLY B 116 -30.42 -6.87 6.17
CA GLY B 116 -29.58 -6.55 7.32
C GLY B 116 -28.76 -7.69 7.88
N LYS B 117 -28.94 -8.90 7.33
CA LYS B 117 -28.24 -10.07 7.85
C LYS B 117 -26.72 -9.85 7.95
N THR B 118 -26.15 -9.19 6.94
CA THR B 118 -24.71 -8.91 6.96
C THR B 118 -24.40 -7.44 6.65
N THR B 119 -25.37 -6.57 6.88
CA THR B 119 -25.27 -5.16 6.52
C THR B 119 -25.73 -4.26 7.67
N SER B 120 -24.81 -3.63 8.38
CA SER B 120 -25.15 -2.86 9.57
C SER B 120 -25.70 -1.46 9.29
N CYS B 121 -25.48 -0.96 8.07
CA CYS B 121 -25.83 0.41 7.74
C CYS B 121 -27.14 0.50 6.94
N LEU B 122 -27.92 -0.59 6.97
CA LEU B 122 -29.20 -0.59 6.30
C LEU B 122 -30.07 0.60 6.73
N GLY B 123 -30.64 1.30 5.76
CA GLY B 123 -31.46 2.45 6.07
C GLY B 123 -30.74 3.79 6.11
N GLN B 124 -29.41 3.78 6.07
CA GLN B 124 -28.65 5.03 6.02
C GLN B 124 -28.79 5.68 4.65
N PRO B 125 -28.91 7.03 4.62
CA PRO B 125 -29.19 7.68 3.33
C PRO B 125 -28.00 7.59 2.37
N TRP B 126 -26.80 7.40 2.91
CA TRP B 126 -25.60 7.27 2.06
C TRP B 126 -25.41 5.84 1.54
N LEU B 127 -26.25 4.91 1.98
CA LEU B 127 -26.24 3.57 1.40
C LEU B 127 -27.22 3.55 0.24
N ARG B 128 -26.70 3.56 -0.99
CA ARG B 128 -27.59 3.68 -2.13
C ARG B 128 -27.02 3.03 -3.38
N ALA B 129 -27.86 2.91 -4.40
CA ALA B 129 -27.45 2.31 -5.67
C ALA B 129 -26.20 3.00 -6.19
N ILE B 130 -25.25 2.23 -6.71
CA ILE B 130 -24.03 2.84 -7.27
C ILE B 130 -24.04 2.80 -8.79
N ALA B 131 -23.17 3.62 -9.39
CA ALA B 131 -23.05 3.70 -10.85
C ALA B 131 -21.61 3.41 -11.26
N THR B 132 -21.37 3.12 -12.54
CA THR B 132 -20.01 2.87 -12.97
C THR B 132 -19.12 4.10 -12.68
N ASP B 133 -19.68 5.31 -12.77
CA ASP B 133 -18.89 6.51 -12.42
C ASP B 133 -18.35 6.45 -11.00
N ASP B 134 -19.12 5.85 -10.08
CA ASP B 134 -18.66 5.72 -8.70
C ASP B 134 -17.44 4.81 -8.64
N LEU B 135 -17.43 3.78 -9.47
CA LEU B 135 -16.28 2.87 -9.48
C LEU B 135 -15.07 3.57 -10.11
N LEU B 136 -15.32 4.42 -11.10
CA LEU B 136 -14.24 5.22 -11.67
C LEU B 136 -13.67 6.18 -10.60
N ARG B 137 -14.54 6.70 -9.75
CA ARG B 137 -14.10 7.64 -8.71
C ARG B 137 -13.16 6.93 -7.74
N LEU B 138 -13.52 5.71 -7.33
CA LEU B 138 -12.68 4.90 -6.46
C LEU B 138 -11.34 4.58 -7.13
N THR B 139 -11.39 4.26 -8.41
CA THR B 139 -10.19 3.90 -9.14
C THR B 139 -9.22 5.08 -9.20
N ARG B 140 -9.75 6.27 -9.48
CA ARG B 140 -8.90 7.46 -9.59
C ARG B 140 -8.36 7.88 -8.22
N ARG B 141 -9.17 7.73 -7.17
CA ARG B 141 -8.69 7.94 -5.82
C ARG B 141 -7.47 7.05 -5.50
N LEU B 142 -7.52 5.77 -5.88
CA LEU B 142 -6.38 4.88 -5.64
C LEU B 142 -5.20 5.21 -6.56
N LEU B 143 -5.52 5.57 -7.80
CA LEU B 143 -4.52 5.96 -8.78
C LEU B 143 -3.52 7.01 -8.25
N VAL B 144 -4.02 8.02 -7.55
CA VAL B 144 -3.16 9.15 -7.17
C VAL B 144 -2.59 9.05 -5.75
N GLU B 145 -2.74 7.88 -5.14
CA GLU B 145 -2.25 7.66 -3.78
C GLU B 145 -0.72 7.80 -3.71
N GLY B 146 -0.05 7.57 -4.84
CA GLY B 146 1.40 7.74 -4.90
C GLY B 146 1.83 9.08 -5.47
N GLY B 147 0.89 10.00 -5.60
CA GLY B 147 1.18 11.31 -6.16
C GLY B 147 0.39 12.41 -5.49
N VAL B 148 -0.50 13.07 -6.24
CA VAL B 148 -1.18 14.25 -5.73
C VAL B 148 -2.10 13.93 -4.52
N GLY B 149 -2.48 12.66 -4.36
CA GLY B 149 -3.27 12.24 -3.21
C GLY B 149 -2.55 12.50 -1.90
N GLN B 150 -1.21 12.37 -1.92
CA GLN B 150 -0.41 12.64 -0.73
CA GLN B 150 -0.38 12.65 -0.76
C GLN B 150 -0.32 14.14 -0.43
N PHE B 151 -0.82 14.96 -1.35
CA PHE B 151 -0.77 16.41 -1.23
C PHE B 151 -2.17 17.02 -1.16
N ALA B 152 -3.15 16.20 -0.78
CA ALA B 152 -4.54 16.68 -0.77
C ALA B 152 -4.72 17.88 0.17
N ASP B 153 -4.23 17.78 1.41
CA ASP B 153 -4.30 18.92 2.33
C ASP B 153 -3.59 20.14 1.75
N ALA B 154 -2.43 19.89 1.14
CA ALA B 154 -1.58 20.94 0.56
C ALA B 154 -2.26 21.65 -0.63
N LEU B 155 -2.99 20.88 -1.44
CA LEU B 155 -3.74 21.47 -2.54
C LEU B 155 -4.85 22.39 -1.99
N VAL B 156 -5.59 21.90 -1.00
CA VAL B 156 -6.66 22.70 -0.41
C VAL B 156 -6.12 23.98 0.25
N ALA B 157 -4.91 23.91 0.79
CA ALA B 157 -4.32 25.04 1.51
C ALA B 157 -3.72 26.12 0.61
N ALA B 158 -3.59 25.82 -0.68
CA ALA B 158 -2.87 26.71 -1.60
C ALA B 158 -3.68 27.94 -2.02
N ALA B 159 -3.30 29.09 -1.50
CA ALA B 159 -3.93 30.36 -1.87
C ALA B 159 -2.87 31.44 -2.03
N PRO B 160 -3.07 32.36 -2.99
CA PRO B 160 -2.12 33.44 -3.24
C PRO B 160 -1.95 34.36 -2.04
N PRO B 161 -0.79 35.00 -1.94
CA PRO B 161 -0.55 35.89 -0.81
C PRO B 161 -1.45 37.12 -0.85
N GLY B 162 -1.64 37.75 0.30
CA GLY B 162 -2.29 39.05 0.35
C GLY B 162 -1.25 40.14 0.28
N ALA B 163 -1.38 41.15 1.13
CA ALA B 163 -0.49 42.30 1.09
C ALA B 163 0.51 42.29 2.24
N GLU B 164 0.88 41.10 2.70
CA GLU B 164 1.76 40.97 3.87
C GLU B 164 3.22 41.28 3.59
N LYS B 165 3.96 41.57 4.65
CA LYS B 165 5.41 41.74 4.57
C LYS B 165 6.12 40.64 5.38
C1 BUB C . 4.51 1.25 3.65
C1 BUB C . 3.23 1.05 4.73
C2 BUB C . 4.76 -0.23 3.45
C2 BUB C . 4.12 0.08 3.99
C6 BUB C . 4.53 -0.64 2.02
C6 BUB C . 3.87 0.09 2.51
C9 BUB C . 3.33 -1.55 1.87
C9 BUB C . 4.89 -0.73 1.75
B12 BUB C . 3.62 -2.57 0.61
B12 BUB C . 4.23 -2.19 1.32
O15 BUB C . 4.62 -2.17 -0.32
O15 BUB C . 3.06 -2.73 1.95
C1 GOL D . -3.33 -18.48 -17.07
O1 GOL D . -3.34 -19.85 -17.33
C2 GOL D . -4.71 -17.87 -17.27
O2 GOL D . -5.65 -18.87 -17.57
C3 GOL D . -5.13 -17.14 -16.00
O3 GOL D . -6.37 -16.52 -16.19
C1 GOL E . -12.41 26.97 1.97
O1 GOL E . -11.75 25.75 2.22
C2 GOL E . -11.42 28.15 1.97
O2 GOL E . -10.10 27.71 1.74
C3 GOL E . -11.77 29.13 0.86
O3 GOL E . -12.61 28.44 -0.03
C1 GOL F . -1.24 16.48 -12.42
O1 GOL F . -1.18 16.62 -11.00
C2 GOL F . -1.81 17.74 -13.06
O2 GOL F . -1.07 17.98 -14.22
C3 GOL F . -3.29 17.60 -13.44
O3 GOL F . -3.99 18.80 -13.17
C1 GOL G . 4.08 18.28 -21.14
O1 GOL G . 4.70 19.33 -21.84
C2 GOL G . 4.52 16.92 -21.71
O2 GOL G . 5.67 16.47 -21.02
C3 GOL G . 3.36 15.94 -21.61
O3 GOL G . 3.84 14.63 -21.38
C1 GOL H . -2.73 8.11 -24.19
O1 GOL H . -2.29 8.73 -23.01
C2 GOL H . -2.12 6.72 -24.28
O2 GOL H . -0.85 6.81 -24.87
C3 GOL H . -1.97 6.15 -22.87
O3 GOL H . -3.22 5.84 -22.30
C1 GOL I . 22.15 6.20 14.90
O1 GOL I . 21.07 7.03 14.53
C2 GOL I . 23.45 6.77 14.35
O2 GOL I . 24.09 7.53 15.35
C3 GOL I . 23.19 7.65 13.13
O3 GOL I . 24.39 7.91 12.45
C1 GOL J . -9.38 -23.26 -16.53
O1 GOL J . -10.63 -23.13 -15.88
C2 GOL J . -9.28 -22.28 -17.70
O2 GOL J . -10.35 -21.37 -17.66
C3 GOL J . -7.95 -21.53 -17.62
O3 GOL J . -7.83 -20.58 -18.66
C1 GOL K . 20.46 -0.12 -17.51
O1 GOL K . 20.68 0.48 -16.25
C2 GOL K . 19.70 0.83 -18.42
O2 GOL K . 18.53 0.22 -18.90
C3 GOL K . 19.34 2.11 -17.68
O3 GOL K . 18.63 2.98 -18.53
C1 GOL L . 12.69 0.53 3.78
O1 GOL L . 14.03 0.83 3.48
C2 GOL L . 11.82 1.75 3.48
O2 GOL L . 11.67 2.51 4.66
C3 GOL L . 12.44 2.61 2.37
O3 GOL L . 13.43 3.46 2.89
C1 GOL M . -2.16 -13.45 23.98
O1 GOL M . -1.71 -14.79 23.97
C2 GOL M . -1.43 -12.68 25.08
O2 GOL M . -2.32 -12.44 26.14
C3 GOL M . -0.22 -13.47 25.55
O3 GOL M . 0.52 -12.71 26.48
C1 GOL N . 2.28 5.29 -27.31
O1 GOL N . 2.68 6.50 -27.93
C2 GOL N . 1.74 4.31 -28.34
O2 GOL N . 2.22 4.66 -29.62
C3 GOL N . 2.23 2.91 -27.99
O3 GOL N . 3.63 2.93 -27.85
C1 GOL O . 1.48 5.02 21.99
O1 GOL O . 0.87 6.20 21.53
C2 GOL O . 1.96 5.22 23.43
O2 GOL O . 3.37 5.27 23.42
C3 GOL O . 1.40 6.53 23.97
O3 GOL O . 1.52 6.54 25.38
C1 GOL P . 0.88 4.34 -2.05
O1 GOL P . 0.41 4.03 -0.75
C2 GOL P . 1.96 5.42 -1.98
O2 GOL P . 2.53 5.44 -0.69
C3 GOL P . 3.04 5.09 -3.01
O3 GOL P . 4.10 6.02 -2.94
C1 GOL Q . -4.69 15.95 8.47
O1 GOL Q . -4.48 16.48 9.76
C2 GOL Q . -6.17 16.02 8.15
O2 GOL Q . -6.92 15.75 9.31
C3 GOL Q . -6.51 17.41 7.65
O3 GOL Q . -7.50 17.30 6.64
C1 GOL R . -21.37 6.48 -19.21
O1 GOL R . -21.11 7.71 -19.84
C2 GOL R . -21.03 6.58 -17.73
O2 GOL R . -22.09 6.06 -16.97
C3 GOL R . -19.74 5.80 -17.45
O3 GOL R . -19.39 5.78 -16.08
C1 GOL S . -27.46 -8.73 3.87
O1 GOL S . -27.66 -7.84 4.96
C2 GOL S . -27.53 -10.27 4.02
O2 GOL S . -26.37 -10.98 3.58
C3 GOL S . -28.75 -10.75 3.24
O3 GOL S . -29.55 -9.63 3.35
C1 GOL T . -8.33 16.80 -12.19
O1 GOL T . -8.88 15.55 -12.46
C2 GOL T . -7.23 17.07 -13.20
O2 GOL T . -7.46 16.28 -14.35
C3 GOL T . -7.20 18.55 -13.57
O3 GOL T . -8.51 19.04 -13.75
C1 GOL U . 8.17 11.63 -1.09
O1 GOL U . 9.08 12.00 -2.11
C2 GOL U . 6.92 12.49 -1.21
O2 GOL U . 5.78 11.73 -0.87
C3 GOL U . 7.02 13.68 -0.28
O3 GOL U . 7.10 13.24 1.06
#